data_6CW8
#
_entry.id   6CW8
#
_cell.length_a   48.310
_cell.length_b   128.430
_cell.length_c   260.490
_cell.angle_alpha   90.00
_cell.angle_beta   90.00
_cell.angle_gamma   90.00
#
_symmetry.space_group_name_H-M   'C 2 2 21'
#
loop_
_entity.id
_entity.type
_entity.pdbx_description
1 polymer 'Hdac6 protein'
2 non-polymer 'ZINC ION'
3 non-polymer 'POTASSIUM ION'
4 non-polymer N-(2,2-dimethylpropyl)-N~2~-[4-(hydroxycarbamoyl)benzene-1-carbonyl]-L-asparaginyl-N-benzyl-L-alaninamide
5 non-polymer 1,2-ETHANEDIOL
6 water water
#
_entity_poly.entity_id   1
_entity_poly.type   'polypeptide(L)'
_entity_poly.pdbx_seq_one_letter_code
;SNAGGSSPITGLVYDQRMMLHHNMWDSHHPELPQRISRIFSRHEELRLLSRCHRIPARLATEEELALCHSSKHISIIKSS
EHMKPRDLNRLGDEYNSIFISNESYTCALLAAGSCFNSAQAILTGQVRNAVAIVRPPGHHAEKDTACGFCFFNTAALTAR
YAQSITRESLRVLIVDWDVHHGNGTQHIFEEDDSVLYISLHRYEDGAFFPNSEDANYDKVGLGKGRGYNVNIPWNGGKMG
DPEYMAAFHHLVMPIAREFAPELVLVSAGFDAARGDPLGGFQVTPEGYAHLTHQLMSLAAGRVLIILEGGYNLTSISESM
SMCTSMLLGDSPPSLDHLTPLKTSATVSINNVLRAHAPFWSSLR
;
_entity_poly.pdbx_strand_id   A,B
#
loop_
_chem_comp.id
_chem_comp.type
_chem_comp.name
_chem_comp.formula
EDO non-polymer 1,2-ETHANEDIOL 'C2 H6 O2'
FGY non-polymer N-(2,2-dimethylpropyl)-N~2~-[4-(hydroxycarbamoyl)benzene-1-carbonyl]-L-asparaginyl-N-benzyl-L-alaninamide 'C27 H35 N5 O6'
K non-polymer 'POTASSIUM ION' 'K 1'
ZN non-polymer 'ZINC ION' 'Zn 2'
#
# COMPACT_ATOMS: atom_id res chain seq x y z
N PRO A 8 -7.60 -29.10 0.57
CA PRO A 8 -7.11 -28.56 -0.69
C PRO A 8 -5.72 -27.96 -0.52
N ILE A 9 -4.79 -28.35 -1.40
CA ILE A 9 -3.39 -27.98 -1.30
C ILE A 9 -3.07 -26.99 -2.40
N THR A 10 -2.31 -25.94 -2.05
CA THR A 10 -1.72 -25.01 -3.02
C THR A 10 -0.26 -25.38 -3.22
N GLY A 11 0.16 -25.46 -4.49
CA GLY A 11 1.55 -25.71 -4.81
C GLY A 11 2.31 -24.42 -5.11
N LEU A 12 3.62 -24.46 -4.91
CA LEU A 12 4.45 -23.30 -5.22
C LEU A 12 5.74 -23.80 -5.85
N VAL A 13 6.16 -23.18 -6.94
CA VAL A 13 7.45 -23.51 -7.52
C VAL A 13 8.29 -22.25 -7.58
N TYR A 14 9.55 -22.39 -7.19
CA TYR A 14 10.52 -21.31 -7.25
C TYR A 14 11.91 -21.93 -7.27
N ASP A 15 12.77 -21.43 -8.16
CA ASP A 15 14.15 -21.89 -8.20
C ASP A 15 15.05 -20.68 -8.36
N GLN A 16 15.95 -20.48 -7.40
CA GLN A 16 16.85 -19.33 -7.42
C GLN A 16 17.72 -19.29 -8.67
N ARG A 17 17.93 -20.43 -9.34
CA ARG A 17 18.73 -20.42 -10.55
C ARG A 17 18.14 -19.52 -11.63
N MET A 18 16.83 -19.26 -11.60
CA MET A 18 16.28 -18.34 -12.59
C MET A 18 16.75 -16.90 -12.38
N MET A 19 17.49 -16.63 -11.30
CA MET A 19 18.10 -15.31 -11.10
C MET A 19 19.32 -15.08 -11.99
N LEU A 20 19.87 -16.11 -12.62
CA LEU A 20 21.15 -15.92 -13.29
C LEU A 20 21.03 -15.16 -14.60
N HIS A 21 19.88 -15.24 -15.29
CA HIS A 21 19.62 -14.42 -16.47
C HIS A 21 19.72 -12.94 -16.13
N HIS A 22 20.54 -12.19 -16.87
CA HIS A 22 20.79 -10.81 -16.48
C HIS A 22 21.16 -9.95 -17.69
N ASN A 23 21.05 -8.65 -17.51
CA ASN A 23 21.34 -7.65 -18.53
C ASN A 23 22.79 -7.20 -18.39
N MET A 24 23.64 -7.60 -19.34
CA MET A 24 25.05 -7.26 -19.30
C MET A 24 25.33 -5.81 -19.62
N TRP A 25 24.41 -5.13 -20.28
CA TRP A 25 24.60 -3.74 -20.68
C TRP A 25 24.17 -2.74 -19.61
N ASP A 26 23.23 -3.12 -18.72
CA ASP A 26 22.64 -2.17 -17.77
C ASP A 26 22.18 -2.98 -16.55
N SER A 27 23.01 -2.98 -15.50
CA SER A 27 22.71 -3.75 -14.29
CA SER A 27 22.70 -3.76 -14.31
C SER A 27 21.43 -3.29 -13.61
N HIS A 28 20.92 -2.12 -13.94
CA HIS A 28 19.72 -1.56 -13.33
C HIS A 28 18.48 -1.72 -14.21
N HIS A 29 18.57 -2.45 -15.31
CA HIS A 29 17.39 -2.67 -16.13
C HIS A 29 16.28 -3.29 -15.27
N PRO A 30 15.04 -2.83 -15.40
CA PRO A 30 14.01 -3.23 -14.42
C PRO A 30 13.65 -4.71 -14.43
N GLU A 31 13.93 -5.46 -15.49
CA GLU A 31 13.65 -6.90 -15.48
C GLU A 31 14.82 -7.60 -14.76
N LEU A 32 14.86 -7.41 -13.45
CA LEU A 32 15.95 -7.74 -12.54
C LEU A 32 15.80 -9.17 -12.01
N PRO A 33 16.95 -9.81 -11.79
CA PRO A 33 16.95 -11.07 -11.04
C PRO A 33 16.20 -10.99 -9.71
N GLN A 34 16.27 -9.84 -9.04
CA GLN A 34 15.70 -9.69 -7.71
C GLN A 34 14.18 -9.63 -7.72
N ARG A 35 13.55 -9.52 -8.89
CA ARG A 35 12.10 -9.65 -8.95
C ARG A 35 11.64 -10.95 -8.29
N ILE A 36 12.24 -12.08 -8.67
CA ILE A 36 11.70 -13.34 -8.13
C ILE A 36 12.19 -13.58 -6.70
N SER A 37 13.39 -13.11 -6.33
CA SER A 37 13.84 -13.34 -4.95
C SER A 37 13.09 -12.46 -3.96
N ARG A 38 12.73 -11.24 -4.36
CA ARG A 38 11.93 -10.40 -3.48
C ARG A 38 10.53 -10.99 -3.29
N ILE A 39 9.91 -11.47 -4.36
CA ILE A 39 8.60 -12.12 -4.23
C ILE A 39 8.70 -13.34 -3.33
N PHE A 40 9.74 -14.16 -3.54
CA PHE A 40 9.87 -15.36 -2.72
C PHE A 40 10.08 -15.02 -1.25
N SER A 41 10.94 -14.02 -0.97
CA SER A 41 11.17 -13.61 0.41
C SER A 41 9.90 -13.10 1.06
N ARG A 42 9.08 -12.37 0.30
CA ARG A 42 7.81 -11.90 0.86
C ARG A 42 6.88 -13.08 1.18
N HIS A 43 6.85 -14.11 0.33
CA HIS A 43 6.04 -15.28 0.67
C HIS A 43 6.49 -15.92 1.98
N GLU A 44 7.80 -15.92 2.23
CA GLU A 44 8.32 -16.47 3.48
C GLU A 44 7.94 -15.58 4.66
N GLU A 45 8.13 -14.26 4.53
CA GLU A 45 7.81 -13.33 5.61
C GLU A 45 6.33 -13.39 5.99
N LEU A 46 5.45 -13.50 5.01
CA LEU A 46 4.02 -13.56 5.29
C LEU A 46 3.55 -14.96 5.66
N ARG A 47 4.48 -15.91 5.81
CA ARG A 47 4.17 -17.28 6.20
C ARG A 47 3.21 -17.95 5.23
N LEU A 48 3.33 -17.58 3.95
CA LEU A 48 2.58 -18.23 2.87
C LEU A 48 3.33 -19.42 2.31
N LEU A 49 4.65 -19.30 2.23
CA LEU A 49 5.48 -20.35 1.63
C LEU A 49 5.33 -21.67 2.37
N SER A 50 5.36 -21.61 3.70
CA SER A 50 5.30 -22.85 4.48
C SER A 50 3.93 -23.51 4.38
N ARG A 51 2.90 -22.78 3.96
CA ARG A 51 1.58 -23.37 3.80
C ARG A 51 1.39 -24.10 2.48
N CYS A 52 2.35 -23.99 1.55
CA CYS A 52 2.22 -24.56 0.22
C CYS A 52 2.98 -25.88 0.11
N HIS A 53 2.52 -26.74 -0.79
CA HIS A 53 3.31 -27.89 -1.21
C HIS A 53 4.36 -27.43 -2.21
N ARG A 54 5.62 -27.74 -1.93
CA ARG A 54 6.71 -27.24 -2.76
C ARG A 54 6.90 -28.15 -3.98
N ILE A 55 6.65 -27.60 -5.16
CA ILE A 55 6.75 -28.31 -6.42
C ILE A 55 8.17 -28.11 -6.96
N PRO A 56 8.89 -29.16 -7.34
CA PRO A 56 10.26 -28.97 -7.84
C PRO A 56 10.27 -28.31 -9.22
N ALA A 57 11.27 -27.47 -9.45
CA ALA A 57 11.50 -26.96 -10.79
C ALA A 57 12.21 -28.01 -11.65
N ARG A 58 12.10 -27.86 -12.97
CA ARG A 58 12.86 -28.70 -13.88
C ARG A 58 13.06 -27.94 -15.19
N LEU A 59 14.00 -28.42 -15.98
CA LEU A 59 14.19 -27.90 -17.33
C LEU A 59 13.09 -28.44 -18.24
N ALA A 60 12.49 -27.55 -19.03
CA ALA A 60 11.74 -28.01 -20.19
C ALA A 60 12.67 -28.74 -21.14
N THR A 61 12.11 -29.71 -21.88
CA THR A 61 12.85 -30.35 -22.95
C THR A 61 12.61 -29.61 -24.27
N GLU A 62 13.49 -29.85 -25.24
CA GLU A 62 13.31 -29.21 -26.54
C GLU A 62 12.08 -29.73 -27.26
N GLU A 63 11.74 -31.00 -27.07
CA GLU A 63 10.48 -31.49 -27.64
CA GLU A 63 10.48 -31.50 -27.63
C GLU A 63 9.31 -30.73 -27.06
N GLU A 64 9.37 -30.36 -25.77
CA GLU A 64 8.29 -29.56 -25.19
C GLU A 64 8.30 -28.15 -25.76
N LEU A 65 9.49 -27.55 -25.90
CA LEU A 65 9.53 -26.22 -26.51
C LEU A 65 8.95 -26.23 -27.92
N ALA A 66 9.12 -27.34 -28.63
CA ALA A 66 8.61 -27.44 -30.00
C ALA A 66 7.10 -27.54 -30.06
N LEU A 67 6.40 -27.68 -28.93
CA LEU A 67 4.95 -27.60 -28.96
C LEU A 67 4.48 -26.23 -29.44
N CYS A 68 5.26 -25.19 -29.21
CA CYS A 68 4.90 -23.84 -29.65
C CYS A 68 5.94 -23.14 -30.51
N HIS A 69 7.21 -23.55 -30.49
CA HIS A 69 8.28 -22.79 -31.12
C HIS A 69 8.97 -23.56 -32.23
N SER A 70 9.50 -22.81 -33.20
CA SER A 70 10.16 -23.42 -34.34
C SER A 70 11.54 -23.94 -33.96
N SER A 71 12.01 -24.91 -34.74
CA SER A 71 13.32 -25.50 -34.48
CA SER A 71 13.32 -25.50 -34.46
C SER A 71 14.41 -24.46 -34.57
N LYS A 72 14.29 -23.51 -35.51
CA LYS A 72 15.31 -22.49 -35.64
C LYS A 72 15.36 -21.58 -34.42
N HIS A 73 14.19 -21.16 -33.91
CA HIS A 73 14.18 -20.28 -32.75
C HIS A 73 14.81 -20.97 -31.55
N ILE A 74 14.44 -22.23 -31.31
CA ILE A 74 14.98 -23.00 -30.19
C ILE A 74 16.49 -23.13 -30.31
N SER A 75 16.97 -23.45 -31.51
CA SER A 75 18.41 -23.61 -31.73
C SER A 75 19.17 -22.30 -31.47
N ILE A 76 18.67 -21.19 -31.99
CA ILE A 76 19.37 -19.93 -31.81
C ILE A 76 19.46 -19.56 -30.34
N ILE A 77 18.34 -19.61 -29.61
CA ILE A 77 18.38 -19.24 -28.20
C ILE A 77 19.26 -20.23 -27.42
N LYS A 78 19.18 -21.52 -27.75
CA LYS A 78 20.03 -22.50 -27.07
C LYS A 78 21.51 -22.18 -27.27
N SER A 79 21.88 -21.73 -28.48
CA SER A 79 23.28 -21.44 -28.77
C SER A 79 23.84 -20.27 -27.94
N SER A 80 22.97 -19.41 -27.42
CA SER A 80 23.42 -18.28 -26.62
C SER A 80 24.14 -18.72 -25.35
N GLU A 81 23.92 -19.96 -24.91
CA GLU A 81 24.59 -20.44 -23.70
C GLU A 81 26.10 -20.41 -23.84
N HIS A 82 26.61 -20.59 -25.07
CA HIS A 82 28.05 -20.70 -25.28
C HIS A 82 28.65 -19.52 -26.04
N MET A 83 27.93 -18.42 -26.15
CA MET A 83 28.42 -17.28 -26.93
C MET A 83 29.34 -16.38 -26.13
N LYS A 84 30.26 -15.71 -26.85
CA LYS A 84 31.08 -14.64 -26.28
C LYS A 84 30.22 -13.39 -26.08
N PRO A 85 30.64 -12.49 -25.17
CA PRO A 85 29.87 -11.27 -24.92
C PRO A 85 29.51 -10.49 -26.18
N ARG A 86 30.46 -10.33 -27.12
CA ARG A 86 30.16 -9.60 -28.35
C ARG A 86 29.03 -10.27 -29.13
N ASP A 87 29.01 -11.60 -29.15
CA ASP A 87 27.95 -12.29 -29.86
C ASP A 87 26.63 -12.20 -29.10
N LEU A 88 26.66 -12.27 -27.77
CA LEU A 88 25.44 -12.07 -26.99
C LEU A 88 24.84 -10.69 -27.28
N ASN A 89 25.68 -9.65 -27.32
CA ASN A 89 25.19 -8.31 -27.62
C ASN A 89 24.57 -8.24 -29.01
N ARG A 90 25.25 -8.81 -30.00
CA ARG A 90 24.72 -8.82 -31.36
CA ARG A 90 24.71 -8.80 -31.36
C ARG A 90 23.42 -9.61 -31.44
N LEU A 91 23.34 -10.75 -30.75
CA LEU A 91 22.12 -11.54 -30.78
C LEU A 91 20.94 -10.81 -30.15
N GLY A 92 21.17 -10.16 -29.01
CA GLY A 92 20.08 -9.42 -28.37
C GLY A 92 19.49 -8.35 -29.27
N ASP A 93 20.33 -7.73 -30.11
CA ASP A 93 19.90 -6.69 -31.02
C ASP A 93 19.07 -7.21 -32.19
N GLU A 94 19.05 -8.52 -32.42
CA GLU A 94 18.21 -9.08 -33.47
C GLU A 94 16.75 -9.20 -33.05
N TYR A 95 16.39 -8.77 -31.84
CA TYR A 95 15.02 -8.87 -31.36
C TYR A 95 14.55 -7.51 -30.84
N ASN A 96 13.22 -7.37 -30.76
CA ASN A 96 12.59 -6.20 -30.17
C ASN A 96 12.62 -6.38 -28.65
N SER A 97 13.40 -5.56 -27.96
CA SER A 97 13.38 -5.45 -26.50
C SER A 97 13.80 -6.75 -25.80
N ILE A 98 15.02 -7.20 -26.13
CA ILE A 98 15.59 -8.41 -25.54
C ILE A 98 17.01 -8.13 -25.11
N PHE A 99 17.38 -8.59 -23.92
CA PHE A 99 18.78 -8.75 -23.52
C PHE A 99 19.03 -10.21 -23.21
N ILE A 100 20.26 -10.67 -23.50
CA ILE A 100 20.62 -12.08 -23.40
C ILE A 100 21.98 -12.21 -22.71
N SER A 101 22.11 -13.21 -21.83
CA SER A 101 23.36 -13.60 -21.22
C SER A 101 23.54 -15.11 -21.40
N ASN A 102 24.71 -15.61 -21.00
CA ASN A 102 25.00 -17.04 -21.13
C ASN A 102 24.05 -17.90 -20.29
N GLU A 103 23.31 -17.32 -19.35
CA GLU A 103 22.40 -18.10 -18.52
C GLU A 103 20.95 -18.00 -18.96
N SER A 104 20.66 -17.17 -19.96
CA SER A 104 19.28 -16.87 -20.32
C SER A 104 18.52 -18.13 -20.73
N TYR A 105 19.14 -18.95 -21.59
CA TYR A 105 18.42 -20.13 -22.11
C TYR A 105 18.03 -21.08 -20.99
N THR A 106 18.97 -21.36 -20.08
CA THR A 106 18.68 -22.23 -18.94
C THR A 106 17.55 -21.67 -18.08
N CYS A 107 17.57 -20.36 -17.83
CA CYS A 107 16.51 -19.77 -17.04
C CYS A 107 15.17 -19.87 -17.76
N ALA A 108 15.16 -19.68 -19.07
CA ALA A 108 13.90 -19.83 -19.79
C ALA A 108 13.41 -21.28 -19.76
N LEU A 109 14.33 -22.24 -19.87
CA LEU A 109 13.93 -23.65 -19.72
C LEU A 109 13.35 -23.92 -18.33
N LEU A 110 13.96 -23.31 -17.30
CA LEU A 110 13.52 -23.52 -15.93
C LEU A 110 12.15 -22.92 -15.70
N ALA A 111 11.92 -21.73 -16.26
CA ALA A 111 10.61 -21.09 -16.10
C ALA A 111 9.51 -21.95 -16.72
N ALA A 112 9.73 -22.45 -17.93
CA ALA A 112 8.72 -23.29 -18.59
C ALA A 112 8.56 -24.63 -17.88
N GLY A 113 9.68 -25.30 -17.59
CA GLY A 113 9.59 -26.61 -16.94
C GLY A 113 8.98 -26.55 -15.56
N SER A 114 9.25 -25.47 -14.82
CA SER A 114 8.57 -25.25 -13.54
C SER A 114 7.06 -25.18 -13.72
N CYS A 115 6.60 -24.48 -14.76
CA CYS A 115 5.16 -24.40 -14.98
C CYS A 115 4.61 -25.74 -15.45
N PHE A 116 5.39 -26.51 -16.21
CA PHE A 116 4.95 -27.84 -16.60
C PHE A 116 4.72 -28.71 -15.37
N ASN A 117 5.69 -28.71 -14.45
CA ASN A 117 5.52 -29.50 -13.23
C ASN A 117 4.31 -29.04 -12.43
N SER A 118 4.03 -27.74 -12.42
CA SER A 118 2.89 -27.25 -11.65
CA SER A 118 2.89 -27.27 -11.64
C SER A 118 1.57 -27.64 -12.30
N ALA A 119 1.48 -27.50 -13.63
CA ALA A 119 0.27 -27.94 -14.32
C ALA A 119 0.06 -29.44 -14.14
N GLN A 120 1.14 -30.21 -14.21
CA GLN A 120 1.02 -31.65 -13.97
C GLN A 120 0.51 -31.93 -12.56
N ALA A 121 1.07 -31.25 -11.56
CA ALA A 121 0.62 -31.45 -10.18
C ALA A 121 -0.87 -31.12 -10.04
N ILE A 122 -1.31 -30.05 -10.70
CA ILE A 122 -2.72 -29.69 -10.66
C ILE A 122 -3.58 -30.76 -11.34
N LEU A 123 -3.18 -31.16 -12.54
CA LEU A 123 -4.02 -32.05 -13.35
C LEU A 123 -4.07 -33.46 -12.80
N THR A 124 -2.99 -33.93 -12.18
CA THR A 124 -2.98 -35.24 -11.55
C THR A 124 -3.56 -35.22 -10.14
N GLY A 125 -3.99 -34.07 -9.63
CA GLY A 125 -4.61 -34.02 -8.33
C GLY A 125 -3.66 -33.99 -7.14
N GLN A 126 -2.36 -33.78 -7.35
CA GLN A 126 -1.46 -33.61 -6.21
C GLN A 126 -1.71 -32.29 -5.49
N VAL A 127 -2.08 -31.23 -6.22
CA VAL A 127 -2.48 -29.96 -5.63
C VAL A 127 -3.77 -29.50 -6.30
N ARG A 128 -4.48 -28.60 -5.62
CA ARG A 128 -5.68 -28.00 -6.22
C ARG A 128 -5.30 -26.88 -7.21
N ASN A 129 -4.36 -26.04 -6.81
CA ASN A 129 -3.96 -24.87 -7.59
C ASN A 129 -2.49 -24.62 -7.29
N ALA A 130 -1.89 -23.61 -7.91
CA ALA A 130 -0.46 -23.43 -7.74
C ALA A 130 -0.03 -22.05 -8.23
N VAL A 131 1.13 -21.62 -7.76
CA VAL A 131 1.73 -20.35 -8.15
C VAL A 131 3.17 -20.61 -8.58
N ALA A 132 3.58 -19.97 -9.68
CA ALA A 132 4.91 -20.15 -10.26
C ALA A 132 5.65 -18.81 -10.25
N ILE A 133 6.71 -18.72 -9.45
CA ILE A 133 7.50 -17.51 -9.31
C ILE A 133 8.70 -17.69 -10.24
N VAL A 134 8.55 -17.23 -11.49
CA VAL A 134 9.48 -17.58 -12.56
C VAL A 134 9.87 -16.34 -13.36
N ARG A 135 11.07 -16.39 -13.93
CA ARG A 135 11.54 -15.44 -14.93
C ARG A 135 12.59 -16.15 -15.77
N PRO A 136 12.87 -15.66 -16.99
CA PRO A 136 12.26 -14.53 -17.70
C PRO A 136 10.78 -14.79 -18.00
N PRO A 137 10.04 -13.74 -18.33
CA PRO A 137 8.61 -13.93 -18.67
C PRO A 137 8.39 -14.58 -20.03
N GLY A 138 7.14 -14.78 -20.42
CA GLY A 138 6.85 -15.53 -21.63
C GLY A 138 5.92 -14.93 -22.67
N HIS A 139 4.98 -14.06 -22.30
CA HIS A 139 3.82 -13.91 -23.17
C HIS A 139 4.08 -13.08 -24.44
N HIS A 140 5.22 -12.38 -24.55
CA HIS A 140 5.53 -11.71 -25.82
C HIS A 140 6.25 -12.63 -26.81
N ALA A 141 6.72 -13.78 -26.36
CA ALA A 141 7.48 -14.66 -27.26
C ALA A 141 6.56 -15.31 -28.28
N GLU A 142 6.99 -15.28 -29.53
CA GLU A 142 6.23 -15.83 -30.65
C GLU A 142 6.81 -17.18 -31.03
N LYS A 143 6.08 -17.88 -31.90
CA LYS A 143 6.58 -19.16 -32.41
C LYS A 143 8.02 -19.06 -32.89
N ASP A 144 8.35 -18.00 -33.63
CA ASP A 144 9.64 -17.92 -34.30
C ASP A 144 10.55 -16.84 -33.74
N THR A 145 10.20 -16.16 -32.63
CA THR A 145 11.08 -15.08 -32.21
C THR A 145 10.90 -14.73 -30.74
N ALA A 146 11.97 -14.21 -30.14
CA ALA A 146 11.92 -13.61 -28.81
C ALA A 146 11.46 -12.16 -28.89
N CYS A 147 10.90 -11.65 -27.78
CA CYS A 147 10.38 -10.30 -27.80
C CYS A 147 10.08 -9.85 -26.38
N GLY A 148 10.34 -8.58 -26.07
CA GLY A 148 9.79 -8.02 -24.84
C GLY A 148 10.20 -8.76 -23.59
N PHE A 149 11.47 -9.14 -23.48
CA PHE A 149 12.09 -9.83 -22.35
C PHE A 149 11.70 -11.31 -22.29
N CYS A 150 10.99 -11.83 -23.29
CA CYS A 150 10.48 -13.20 -23.30
C CYS A 150 11.19 -13.98 -24.41
N PHE A 151 11.66 -15.19 -24.07
CA PHE A 151 12.31 -16.08 -25.03
C PHE A 151 11.40 -17.20 -25.55
N PHE A 152 10.72 -17.88 -24.63
CA PHE A 152 9.75 -18.92 -24.94
C PHE A 152 8.46 -18.58 -24.23
N ASN A 153 7.33 -18.92 -24.85
CA ASN A 153 6.05 -18.48 -24.31
C ASN A 153 5.60 -19.48 -23.26
N THR A 154 6.01 -19.23 -22.02
CA THR A 154 5.77 -20.16 -20.92
C THR A 154 4.28 -20.53 -20.79
N ALA A 155 3.38 -19.54 -20.82
CA ALA A 155 1.96 -19.85 -20.62
C ALA A 155 1.40 -20.67 -21.77
N ALA A 156 1.73 -20.30 -23.01
CA ALA A 156 1.25 -21.06 -24.15
C ALA A 156 1.82 -22.47 -24.14
N LEU A 157 3.11 -22.59 -23.79
CA LEU A 157 3.71 -23.92 -23.72
C LEU A 157 3.02 -24.76 -22.67
N THR A 158 2.65 -24.13 -21.54
CA THR A 158 2.03 -24.89 -20.46
C THR A 158 0.64 -25.37 -20.87
N ALA A 159 -0.09 -24.57 -21.64
CA ALA A 159 -1.38 -25.03 -22.16
C ALA A 159 -1.20 -26.24 -23.08
N ARG A 160 -0.22 -26.20 -23.97
CA ARG A 160 0.02 -27.33 -24.86
C ARG A 160 0.56 -28.54 -24.12
N TYR A 161 1.43 -28.31 -23.13
CA TYR A 161 1.94 -29.41 -22.31
C TYR A 161 0.80 -30.08 -21.55
N ALA A 162 -0.09 -29.27 -20.97
CA ALA A 162 -1.25 -29.82 -20.27
C ALA A 162 -2.09 -30.69 -21.20
N GLN A 163 -2.33 -30.22 -22.42
CA GLN A 163 -3.07 -31.03 -23.38
C GLN A 163 -2.31 -32.30 -23.71
N SER A 164 -0.98 -32.23 -23.79
CA SER A 164 -0.20 -33.40 -24.16
C SER A 164 -0.25 -34.48 -23.07
N ILE A 165 -0.48 -34.12 -21.80
CA ILE A 165 -0.52 -35.14 -20.74
C ILE A 165 -1.95 -35.47 -20.32
N THR A 166 -2.96 -34.95 -21.03
CA THR A 166 -4.35 -35.31 -20.78
C THR A 166 -5.00 -35.71 -22.11
N ARG A 167 -5.62 -34.76 -22.78
CA ARG A 167 -6.12 -35.01 -24.13
C ARG A 167 -6.00 -33.74 -24.94
N GLU A 168 -5.92 -33.90 -26.26
CA GLU A 168 -5.67 -32.76 -27.12
C GLU A 168 -6.74 -31.68 -26.98
N SER A 169 -7.98 -32.05 -26.66
CA SER A 169 -9.08 -31.10 -26.59
C SER A 169 -9.31 -30.52 -25.19
N LEU A 170 -8.43 -30.81 -24.23
CA LEU A 170 -8.57 -30.19 -22.90
C LEU A 170 -8.78 -28.69 -23.01
N ARG A 171 -9.83 -28.18 -22.35
CA ARG A 171 -10.17 -26.76 -22.50
C ARG A 171 -9.35 -25.94 -21.51
N VAL A 172 -8.51 -25.06 -22.02
CA VAL A 172 -7.62 -24.23 -21.19
C VAL A 172 -8.01 -22.77 -21.40
N LEU A 173 -8.23 -22.07 -20.30
CA LEU A 173 -8.38 -20.62 -20.31
C LEU A 173 -7.05 -19.99 -19.92
N ILE A 174 -6.59 -19.03 -20.72
CA ILE A 174 -5.47 -18.17 -20.33
C ILE A 174 -6.03 -16.78 -20.11
N VAL A 175 -5.90 -16.30 -18.87
CA VAL A 175 -6.22 -14.92 -18.52
C VAL A 175 -4.90 -14.19 -18.34
N ASP A 176 -4.73 -13.10 -19.07
CA ASP A 176 -3.47 -12.37 -19.12
C ASP A 176 -3.72 -10.97 -18.57
N TRP A 177 -3.41 -10.73 -17.31
CA TRP A 177 -3.67 -9.43 -16.72
C TRP A 177 -2.40 -8.59 -16.56
N ASP A 178 -1.28 -9.06 -17.10
CA ASP A 178 -0.14 -8.18 -17.36
C ASP A 178 -0.64 -6.93 -18.10
N VAL A 179 -0.02 -5.78 -17.83
CA VAL A 179 -0.51 -4.55 -18.43
C VAL A 179 -0.30 -4.51 -19.94
N HIS A 180 0.57 -5.36 -20.47
CA HIS A 180 0.87 -5.41 -21.90
C HIS A 180 0.11 -6.55 -22.56
N HIS A 181 -0.19 -6.38 -23.84
CA HIS A 181 -0.86 -7.44 -24.60
C HIS A 181 0.09 -8.61 -24.81
N GLY A 182 -0.40 -9.83 -24.55
CA GLY A 182 0.37 -11.03 -24.84
C GLY A 182 0.30 -11.39 -26.31
N ASN A 183 1.00 -10.62 -27.15
CA ASN A 183 0.94 -10.81 -28.60
C ASN A 183 1.30 -12.24 -28.98
N GLY A 184 2.29 -12.83 -28.31
CA GLY A 184 2.70 -14.18 -28.65
C GLY A 184 1.61 -15.20 -28.33
N THR A 185 1.01 -15.09 -27.15
CA THR A 185 -0.06 -16.00 -26.76
C THR A 185 -1.25 -15.88 -27.70
N GLN A 186 -1.63 -14.65 -28.06
CA GLN A 186 -2.73 -14.47 -28.99
C GLN A 186 -2.45 -15.18 -30.31
N HIS A 187 -1.25 -14.95 -30.88
CA HIS A 187 -0.94 -15.52 -32.19
C HIS A 187 -0.83 -17.05 -32.15
N ILE A 188 -0.23 -17.60 -31.10
CA ILE A 188 -0.11 -19.05 -31.01
C ILE A 188 -1.49 -19.72 -31.04
N PHE A 189 -2.48 -19.13 -30.38
CA PHE A 189 -3.80 -19.77 -30.26
C PHE A 189 -4.88 -19.11 -31.10
N GLU A 190 -4.50 -18.20 -32.01
CA GLU A 190 -5.49 -17.38 -32.70
C GLU A 190 -6.51 -18.23 -33.46
N GLU A 191 -6.11 -19.39 -33.99
CA GLU A 191 -7.01 -20.25 -34.74
C GLU A 191 -7.50 -21.46 -33.95
N ASP A 192 -7.43 -21.39 -32.62
CA ASP A 192 -7.66 -22.55 -31.77
C ASP A 192 -8.87 -22.31 -30.88
N ASP A 193 -9.81 -23.26 -30.87
CA ASP A 193 -10.97 -23.15 -29.99
C ASP A 193 -10.82 -23.95 -28.69
N SER A 194 -9.70 -24.65 -28.51
CA SER A 194 -9.43 -25.38 -27.26
C SER A 194 -8.75 -24.50 -26.21
N VAL A 195 -8.21 -23.35 -26.60
CA VAL A 195 -7.52 -22.45 -25.69
C VAL A 195 -8.16 -21.09 -25.87
N LEU A 196 -8.89 -20.65 -24.86
CA LEU A 196 -9.50 -19.33 -24.84
C LEU A 196 -8.49 -18.35 -24.25
N TYR A 197 -8.16 -17.30 -25.02
CA TYR A 197 -7.22 -16.28 -24.58
C TYR A 197 -7.98 -15.01 -24.25
N ILE A 198 -7.83 -14.53 -23.02
CA ILE A 198 -8.44 -13.27 -22.60
C ILE A 198 -7.34 -12.38 -22.03
N SER A 199 -7.12 -11.22 -22.66
CA SER A 199 -6.11 -10.28 -22.22
C SER A 199 -6.74 -8.93 -21.91
N LEU A 200 -6.38 -8.36 -20.76
CA LEU A 200 -6.64 -6.96 -20.46
C LEU A 200 -5.30 -6.25 -20.55
N HIS A 201 -5.28 -5.09 -21.20
CA HIS A 201 -3.97 -4.48 -21.43
C HIS A 201 -4.14 -3.01 -21.77
N ARG A 202 -3.16 -2.21 -21.34
CA ARG A 202 -3.05 -0.85 -21.79
C ARG A 202 -2.73 -0.82 -23.28
N TYR A 203 -3.55 -0.12 -24.05
CA TYR A 203 -3.47 -0.14 -25.51
C TYR A 203 -3.14 1.23 -26.10
N GLU A 204 -3.86 2.27 -25.70
CA GLU A 204 -3.61 3.65 -26.15
C GLU A 204 -3.60 3.75 -27.67
N ASP A 205 -4.63 3.16 -28.30
CA ASP A 205 -4.77 3.21 -29.75
C ASP A 205 -3.50 2.72 -30.45
N GLY A 206 -2.86 1.72 -29.85
CA GLY A 206 -1.66 1.14 -30.41
C GLY A 206 -0.36 1.81 -29.99
N ALA A 207 -0.41 2.81 -29.11
CA ALA A 207 0.80 3.54 -28.70
C ALA A 207 1.28 3.09 -27.32
N PHE A 208 1.42 1.79 -27.15
CA PHE A 208 1.94 1.20 -25.93
C PHE A 208 2.51 -0.14 -26.32
N PHE A 209 3.64 -0.51 -25.74
CA PHE A 209 4.26 -1.78 -26.08
C PHE A 209 3.24 -2.91 -25.95
N PRO A 210 3.16 -3.84 -26.92
CA PRO A 210 4.08 -4.03 -28.05
C PRO A 210 3.71 -3.30 -29.35
N ASN A 211 2.88 -2.26 -29.29
CA ASN A 211 2.70 -1.30 -30.39
C ASN A 211 2.06 -1.89 -31.64
N SER A 212 1.08 -2.77 -31.47
CA SER A 212 0.42 -3.38 -32.62
C SER A 212 -1.10 -3.27 -32.47
N GLU A 213 -1.78 -3.01 -33.59
CA GLU A 213 -3.24 -3.04 -33.56
C GLU A 213 -3.80 -4.45 -33.37
N ASP A 214 -2.96 -5.48 -33.39
CA ASP A 214 -3.44 -6.83 -33.05
C ASP A 214 -4.10 -6.88 -31.68
N ALA A 215 -3.79 -5.93 -30.79
CA ALA A 215 -4.30 -5.91 -29.44
C ALA A 215 -5.69 -5.28 -29.31
N ASN A 216 -6.28 -4.80 -30.40
CA ASN A 216 -7.56 -4.13 -30.26
C ASN A 216 -8.70 -5.14 -30.05
N TYR A 217 -9.85 -4.61 -29.61
CA TYR A 217 -10.98 -5.44 -29.22
C TYR A 217 -11.59 -6.16 -30.41
N ASP A 218 -11.36 -5.67 -31.62
CA ASP A 218 -11.95 -6.32 -32.79
C ASP A 218 -11.16 -7.52 -33.27
N LYS A 219 -10.04 -7.87 -32.64
CA LYS A 219 -9.32 -9.09 -33.00
C LYS A 219 -9.92 -10.20 -32.14
N VAL A 220 -10.85 -10.98 -32.71
CA VAL A 220 -11.66 -11.94 -31.96
C VAL A 220 -11.24 -13.38 -32.24
N GLY A 221 -10.16 -13.58 -33.00
CA GLY A 221 -9.75 -14.90 -33.42
C GLY A 221 -10.03 -15.14 -34.89
N LEU A 222 -9.49 -16.26 -35.40
CA LEU A 222 -9.56 -16.61 -36.82
C LEU A 222 -10.07 -18.03 -36.99
N GLY A 223 -10.84 -18.25 -38.06
CA GLY A 223 -11.25 -19.61 -38.38
C GLY A 223 -12.08 -20.22 -37.26
N LYS A 224 -11.79 -21.48 -36.93
CA LYS A 224 -12.48 -22.11 -35.81
C LYS A 224 -12.17 -21.42 -34.48
N GLY A 225 -11.15 -20.57 -34.42
CA GLY A 225 -10.88 -19.79 -33.23
C GLY A 225 -11.68 -18.51 -33.09
N ARG A 226 -12.61 -18.21 -34.00
CA ARG A 226 -13.35 -16.96 -33.88
C ARG A 226 -14.19 -16.95 -32.62
N GLY A 227 -14.01 -15.92 -31.81
CA GLY A 227 -14.64 -15.83 -30.52
C GLY A 227 -13.78 -16.30 -29.36
N TYR A 228 -12.67 -17.00 -29.63
CA TYR A 228 -11.83 -17.53 -28.55
C TYR A 228 -10.59 -16.68 -28.32
N ASN A 229 -10.62 -15.43 -28.76
CA ASN A 229 -9.60 -14.43 -28.45
C ASN A 229 -10.33 -13.18 -27.98
N VAL A 230 -10.14 -12.80 -26.73
CA VAL A 230 -10.87 -11.67 -26.14
C VAL A 230 -9.85 -10.64 -25.70
N ASN A 231 -9.75 -9.51 -26.43
CA ASN A 231 -8.87 -8.41 -26.07
C ASN A 231 -9.67 -7.31 -25.40
N ILE A 232 -9.24 -6.91 -24.20
CA ILE A 232 -9.90 -5.83 -23.48
C ILE A 232 -8.89 -4.69 -23.39
N PRO A 233 -8.92 -3.77 -24.33
CA PRO A 233 -7.88 -2.74 -24.39
C PRO A 233 -8.27 -1.48 -23.67
N TRP A 234 -7.36 -0.92 -22.88
CA TRP A 234 -7.59 0.30 -22.15
C TRP A 234 -6.93 1.47 -22.88
N ASN A 235 -7.64 2.59 -22.93
CA ASN A 235 -7.12 3.81 -23.52
C ASN A 235 -7.41 4.98 -22.60
N GLY A 236 -6.53 5.97 -22.65
CA GLY A 236 -6.81 7.23 -21.98
C GLY A 236 -6.50 7.27 -20.50
N GLY A 237 -5.35 6.75 -20.08
CA GLY A 237 -4.88 6.98 -18.72
C GLY A 237 -5.11 5.82 -17.77
N LYS A 238 -5.02 6.15 -16.48
CA LYS A 238 -4.69 5.21 -15.42
C LYS A 238 -5.90 4.41 -14.95
N MET A 239 -5.92 3.13 -15.26
CA MET A 239 -6.96 2.22 -14.83
C MET A 239 -6.58 1.59 -13.49
N GLY A 240 -7.59 1.17 -12.74
CA GLY A 240 -7.32 0.52 -11.48
C GLY A 240 -8.38 -0.49 -11.14
N ASP A 241 -8.52 -0.77 -9.83
CA ASP A 241 -9.47 -1.77 -9.36
C ASP A 241 -10.87 -1.62 -9.94
N PRO A 242 -11.49 -0.43 -9.99
CA PRO A 242 -12.87 -0.38 -10.52
C PRO A 242 -12.98 -0.91 -11.93
N GLU A 243 -12.03 -0.53 -12.79
CA GLU A 243 -12.08 -0.93 -14.20
C GLU A 243 -11.80 -2.42 -14.37
N TYR A 244 -10.83 -2.96 -13.61
CA TYR A 244 -10.57 -4.40 -13.73
C TYR A 244 -11.71 -5.23 -13.15
N MET A 245 -12.28 -4.79 -12.02
CA MET A 245 -13.42 -5.53 -11.47
C MET A 245 -14.61 -5.51 -12.42
N ALA A 246 -14.87 -4.36 -13.06
CA ALA A 246 -15.97 -4.27 -14.03
C ALA A 246 -15.73 -5.17 -15.23
N ALA A 247 -14.50 -5.17 -15.76
CA ALA A 247 -14.20 -6.04 -16.90
C ALA A 247 -14.36 -7.50 -16.52
N PHE A 248 -13.97 -7.88 -15.30
CA PHE A 248 -14.15 -9.26 -14.88
C PHE A 248 -15.62 -9.59 -14.71
N HIS A 249 -16.38 -8.63 -14.18
CA HIS A 249 -17.79 -8.93 -13.88
C HIS A 249 -18.60 -9.12 -15.15
N HIS A 250 -18.38 -8.26 -16.15
CA HIS A 250 -19.20 -8.22 -17.35
C HIS A 250 -18.61 -8.94 -18.54
N LEU A 251 -17.32 -9.26 -18.51
CA LEU A 251 -16.66 -9.84 -19.68
C LEU A 251 -15.94 -11.14 -19.34
N VAL A 252 -14.92 -11.07 -18.49
CA VAL A 252 -14.04 -12.21 -18.28
C VAL A 252 -14.82 -13.41 -17.72
N MET A 253 -15.55 -13.19 -16.62
CA MET A 253 -16.17 -14.33 -15.95
C MET A 253 -17.37 -14.89 -16.72
N PRO A 254 -18.24 -14.06 -17.32
CA PRO A 254 -19.34 -14.66 -18.12
C PRO A 254 -18.81 -15.50 -19.28
N ILE A 255 -17.83 -14.98 -20.02
CA ILE A 255 -17.24 -15.75 -21.13
C ILE A 255 -16.57 -17.00 -20.59
N ALA A 256 -15.82 -16.86 -19.49
CA ALA A 256 -15.10 -18.00 -18.94
C ALA A 256 -16.06 -19.09 -18.49
N ARG A 257 -17.16 -18.71 -17.84
CA ARG A 257 -18.14 -19.70 -17.41
C ARG A 257 -18.78 -20.41 -18.59
N GLU A 258 -19.04 -19.68 -19.67
CA GLU A 258 -19.65 -20.31 -20.84
C GLU A 258 -18.66 -21.25 -21.52
N PHE A 259 -17.37 -20.89 -21.53
CA PHE A 259 -16.34 -21.75 -22.11
C PHE A 259 -16.13 -23.00 -21.28
N ALA A 260 -16.32 -22.91 -19.94
CA ALA A 260 -16.17 -24.01 -19.00
C ALA A 260 -14.77 -24.64 -19.07
N PRO A 261 -13.72 -23.87 -18.76
CA PRO A 261 -12.37 -24.42 -18.84
C PRO A 261 -12.17 -25.57 -17.87
N GLU A 262 -11.24 -26.45 -18.21
CA GLU A 262 -10.80 -27.49 -17.30
C GLU A 262 -9.51 -27.11 -16.57
N LEU A 263 -8.82 -26.08 -17.06
CA LEU A 263 -7.57 -25.60 -16.48
C LEU A 263 -7.51 -24.11 -16.76
N VAL A 264 -7.18 -23.31 -15.75
CA VAL A 264 -7.02 -21.87 -15.91
C VAL A 264 -5.55 -21.53 -15.69
N LEU A 265 -4.92 -20.90 -16.67
CA LEU A 265 -3.58 -20.35 -16.52
C LEU A 265 -3.68 -18.83 -16.47
N VAL A 266 -3.01 -18.22 -15.50
CA VAL A 266 -2.99 -16.77 -15.39
C VAL A 266 -1.61 -16.29 -15.80
N SER A 267 -1.54 -15.55 -16.91
CA SER A 267 -0.35 -14.78 -17.25
C SER A 267 -0.37 -13.57 -16.33
N ALA A 268 0.24 -13.75 -15.16
CA ALA A 268 0.08 -12.83 -14.06
C ALA A 268 1.29 -11.90 -14.00
N GLY A 269 1.35 -10.99 -14.97
CA GLY A 269 2.21 -9.84 -14.81
C GLY A 269 1.62 -8.90 -13.77
N PHE A 270 2.48 -8.23 -13.02
CA PHE A 270 2.01 -7.26 -12.04
C PHE A 270 2.48 -5.85 -12.38
N ASP A 271 2.60 -5.55 -13.67
CA ASP A 271 3.00 -4.21 -14.07
C ASP A 271 1.81 -3.27 -14.27
N ALA A 272 0.57 -3.73 -14.08
CA ALA A 272 -0.54 -2.80 -13.91
C ALA A 272 -0.71 -2.37 -12.46
N ALA A 273 0.21 -2.80 -11.58
CA ALA A 273 0.10 -2.51 -10.15
C ALA A 273 0.43 -1.06 -9.83
N ARG A 274 -0.27 -0.53 -8.84
CA ARG A 274 0.09 0.75 -8.24
C ARG A 274 1.57 0.76 -7.90
N GLY A 275 2.30 1.74 -8.42
CA GLY A 275 3.72 1.85 -8.15
C GLY A 275 4.61 1.34 -9.28
N ASP A 276 4.05 0.68 -10.28
CA ASP A 276 4.89 0.18 -11.36
C ASP A 276 5.50 1.35 -12.13
N PRO A 277 6.81 1.34 -12.40
CA PRO A 277 7.41 2.45 -13.16
C PRO A 277 7.05 2.46 -14.64
N LEU A 278 6.60 1.34 -15.21
CA LEU A 278 6.35 1.23 -16.64
C LEU A 278 4.87 1.23 -17.01
N GLY A 279 4.00 0.70 -16.16
CA GLY A 279 2.63 0.45 -16.57
C GLY A 279 1.72 1.66 -16.45
N GLY A 280 1.94 2.48 -15.42
CA GLY A 280 1.14 3.68 -15.23
C GLY A 280 -0.26 3.47 -14.71
N PHE A 281 -0.59 2.27 -14.22
CA PHE A 281 -1.91 1.92 -13.70
C PHE A 281 -1.83 1.81 -12.18
N GLN A 282 -2.96 1.46 -11.54
CA GLN A 282 -2.98 1.46 -10.09
C GLN A 282 -3.88 0.34 -9.55
N VAL A 283 -3.79 -0.85 -10.14
CA VAL A 283 -4.43 -2.00 -9.51
C VAL A 283 -3.73 -2.27 -8.18
N THR A 284 -4.52 -2.48 -7.11
CA THR A 284 -3.97 -2.67 -5.78
C THR A 284 -3.79 -4.14 -5.48
N PRO A 285 -3.01 -4.49 -4.44
CA PRO A 285 -2.87 -5.92 -4.11
C PRO A 285 -4.19 -6.56 -3.77
N GLU A 286 -5.10 -5.82 -3.14
CA GLU A 286 -6.43 -6.33 -2.86
C GLU A 286 -7.22 -6.55 -4.15
N GLY A 287 -7.01 -5.69 -5.14
CA GLY A 287 -7.61 -5.92 -6.44
C GLY A 287 -7.16 -7.24 -7.05
N TYR A 288 -5.85 -7.52 -7.01
CA TYR A 288 -5.37 -8.77 -7.59
C TYR A 288 -5.90 -9.96 -6.81
N ALA A 289 -6.05 -9.82 -5.50
CA ALA A 289 -6.67 -10.87 -4.70
C ALA A 289 -8.09 -11.15 -5.19
N HIS A 290 -8.86 -10.09 -5.49
CA HIS A 290 -10.24 -10.33 -5.91
C HIS A 290 -10.28 -10.96 -7.30
N LEU A 291 -9.38 -10.57 -8.20
CA LEU A 291 -9.32 -11.20 -9.52
C LEU A 291 -9.00 -12.70 -9.38
N THR A 292 -8.00 -13.04 -8.54
CA THR A 292 -7.66 -14.43 -8.29
C THR A 292 -8.85 -15.20 -7.76
N HIS A 293 -9.53 -14.63 -6.76
CA HIS A 293 -10.63 -15.33 -6.10
C HIS A 293 -11.76 -15.62 -7.08
N GLN A 294 -12.01 -14.72 -8.04
CA GLN A 294 -13.03 -14.97 -9.05
C GLN A 294 -12.63 -16.13 -9.96
N LEU A 295 -11.36 -16.17 -10.39
CA LEU A 295 -10.95 -17.26 -11.25
C LEU A 295 -11.00 -18.61 -10.55
N MET A 296 -10.90 -18.63 -9.22
CA MET A 296 -10.94 -19.89 -8.50
C MET A 296 -12.31 -20.56 -8.56
N SER A 297 -13.34 -19.83 -8.97
CA SER A 297 -14.65 -20.44 -9.11
C SER A 297 -14.79 -21.22 -10.42
N LEU A 298 -13.74 -21.26 -11.23
CA LEU A 298 -13.69 -21.96 -12.52
C LEU A 298 -12.90 -23.26 -12.43
N ALA A 299 -13.21 -24.20 -13.32
CA ALA A 299 -12.36 -25.35 -13.60
C ALA A 299 -12.08 -26.19 -12.36
N ALA A 300 -13.08 -26.32 -11.48
CA ALA A 300 -12.92 -27.07 -10.23
C ALA A 300 -11.74 -26.53 -9.40
N GLY A 301 -11.43 -25.25 -9.56
CA GLY A 301 -10.35 -24.64 -8.83
C GLY A 301 -8.96 -24.83 -9.42
N ARG A 302 -8.86 -25.44 -10.60
CA ARG A 302 -7.56 -25.75 -11.21
C ARG A 302 -6.97 -24.48 -11.83
N VAL A 303 -6.26 -23.70 -11.01
CA VAL A 303 -5.73 -22.39 -11.40
C VAL A 303 -4.23 -22.39 -11.18
N LEU A 304 -3.48 -21.95 -12.19
CA LEU A 304 -2.03 -21.81 -12.09
C LEU A 304 -1.68 -20.36 -12.39
N ILE A 305 -1.05 -19.70 -11.43
CA ILE A 305 -0.67 -18.29 -11.54
C ILE A 305 0.80 -18.23 -11.92
N ILE A 306 1.09 -17.68 -13.10
CA ILE A 306 2.45 -17.63 -13.67
C ILE A 306 2.92 -16.17 -13.72
N LEU A 307 4.02 -15.87 -13.04
CA LEU A 307 4.60 -14.54 -13.12
C LEU A 307 5.00 -14.20 -14.56
N GLU A 308 4.58 -13.03 -15.03
CA GLU A 308 5.09 -12.44 -16.25
C GLU A 308 5.90 -11.20 -15.89
N GLY A 309 5.38 -10.00 -16.19
CA GLY A 309 6.06 -8.76 -15.89
C GLY A 309 5.71 -8.20 -14.51
N GLY A 310 6.10 -6.95 -14.30
CA GLY A 310 5.91 -6.27 -13.03
C GLY A 310 7.26 -5.88 -12.45
N TYR A 311 7.49 -4.59 -12.21
CA TYR A 311 8.85 -4.09 -12.04
C TYR A 311 9.07 -3.24 -10.80
N ASN A 312 8.03 -2.91 -10.04
CA ASN A 312 8.22 -2.35 -8.71
C ASN A 312 8.37 -3.52 -7.75
N LEU A 313 9.57 -3.68 -7.17
CA LEU A 313 9.86 -4.88 -6.37
C LEU A 313 8.88 -5.03 -5.21
N THR A 314 8.56 -3.93 -4.54
CA THR A 314 7.63 -4.01 -3.42
C THR A 314 6.21 -4.28 -3.89
N SER A 315 5.78 -3.64 -4.99
CA SER A 315 4.41 -3.84 -5.48
C SER A 315 4.18 -5.28 -5.92
N ILE A 316 5.11 -5.85 -6.69
CA ILE A 316 4.91 -7.21 -7.17
C ILE A 316 4.98 -8.22 -6.04
N SER A 317 5.83 -7.97 -5.03
CA SER A 317 5.91 -8.87 -3.89
C SER A 317 4.59 -8.90 -3.10
N GLU A 318 4.00 -7.71 -2.84
CA GLU A 318 2.71 -7.67 -2.16
C GLU A 318 1.60 -8.22 -3.04
N SER A 319 1.60 -7.88 -4.32
CA SER A 319 0.52 -8.30 -5.21
C SER A 319 0.50 -9.82 -5.39
N MET A 320 1.64 -10.42 -5.75
CA MET A 320 1.63 -11.87 -5.93
C MET A 320 1.38 -12.62 -4.63
N SER A 321 1.88 -12.11 -3.51
CA SER A 321 1.60 -12.75 -2.23
CA SER A 321 1.60 -12.77 -2.24
C SER A 321 0.11 -12.75 -1.93
N MET A 322 -0.58 -11.68 -2.33
CA MET A 322 -2.04 -11.65 -2.15
C MET A 322 -2.73 -12.70 -3.00
N CYS A 323 -2.22 -12.93 -4.22
CA CYS A 323 -2.79 -14.00 -5.05
C CYS A 323 -2.61 -15.35 -4.39
N THR A 324 -1.40 -15.64 -3.89
CA THR A 324 -1.16 -16.92 -3.23
C THR A 324 -2.05 -17.09 -2.01
N SER A 325 -2.25 -16.01 -1.23
CA SER A 325 -3.14 -16.08 -0.07
CA SER A 325 -3.14 -16.09 -0.07
C SER A 325 -4.55 -16.46 -0.49
N MET A 326 -5.00 -15.98 -1.66
CA MET A 326 -6.33 -16.39 -2.14
C MET A 326 -6.35 -17.86 -2.54
N LEU A 327 -5.35 -18.30 -3.29
CA LEU A 327 -5.26 -19.70 -3.68
C LEU A 327 -5.30 -20.62 -2.47
N LEU A 328 -4.66 -20.19 -1.37
CA LEU A 328 -4.63 -21.00 -0.15
C LEU A 328 -5.98 -21.04 0.57
N GLY A 329 -6.95 -20.22 0.15
CA GLY A 329 -8.26 -20.22 0.74
C GLY A 329 -8.56 -19.09 1.71
N ASP A 330 -7.66 -18.12 1.84
CA ASP A 330 -7.95 -17.01 2.76
C ASP A 330 -9.09 -16.15 2.21
N SER A 331 -9.78 -15.46 3.12
CA SER A 331 -10.91 -14.64 2.71
CA SER A 331 -10.92 -14.63 2.72
CA SER A 331 -10.91 -14.64 2.72
C SER A 331 -10.43 -13.41 1.94
N PRO A 332 -11.12 -13.04 0.87
CA PRO A 332 -10.71 -11.86 0.08
C PRO A 332 -10.74 -10.61 0.93
N PRO A 333 -9.71 -9.76 0.82
CA PRO A 333 -9.67 -8.55 1.63
C PRO A 333 -10.65 -7.52 1.11
N SER A 334 -11.05 -6.62 2.00
CA SER A 334 -11.92 -5.53 1.60
CA SER A 334 -11.92 -5.52 1.60
C SER A 334 -11.22 -4.62 0.60
N LEU A 335 -11.95 -4.26 -0.45
CA LEU A 335 -11.49 -3.29 -1.44
C LEU A 335 -11.82 -1.89 -0.97
N ASP A 336 -11.13 -0.90 -1.53
CA ASP A 336 -11.49 0.48 -1.28
C ASP A 336 -12.92 0.75 -1.78
N HIS A 337 -13.43 1.93 -1.46
CA HIS A 337 -14.61 2.41 -2.16
C HIS A 337 -14.26 2.53 -3.64
N LEU A 338 -14.91 1.71 -4.47
CA LEU A 338 -14.60 1.73 -5.90
C LEU A 338 -15.18 2.97 -6.53
N THR A 339 -14.32 3.89 -6.98
CA THR A 339 -14.75 5.08 -7.69
C THR A 339 -15.53 4.68 -8.95
N PRO A 340 -16.39 5.57 -9.46
CA PRO A 340 -17.11 5.23 -10.70
C PRO A 340 -16.14 4.93 -11.82
N LEU A 341 -16.55 4.01 -12.69
CA LEU A 341 -15.75 3.64 -13.85
CA LEU A 341 -15.77 3.63 -13.85
C LEU A 341 -15.36 4.86 -14.67
N LYS A 342 -14.09 4.91 -15.05
CA LYS A 342 -13.62 5.95 -15.96
C LYS A 342 -14.34 5.81 -17.30
N THR A 343 -14.61 6.95 -17.94
CA THR A 343 -15.40 6.98 -19.16
C THR A 343 -14.82 6.06 -20.23
N SER A 344 -13.51 6.16 -20.47
CA SER A 344 -12.91 5.36 -21.54
CA SER A 344 -12.89 5.37 -21.53
C SER A 344 -12.97 3.87 -21.23
N ALA A 345 -13.00 3.49 -19.96
CA ALA A 345 -13.17 2.07 -19.63
C ALA A 345 -14.58 1.59 -19.95
N THR A 346 -15.58 2.44 -19.71
CA THR A 346 -16.94 2.10 -20.15
C THR A 346 -17.01 1.90 -21.66
N VAL A 347 -16.35 2.80 -22.41
CA VAL A 347 -16.27 2.65 -23.86
C VAL A 347 -15.63 1.31 -24.22
N SER A 348 -14.49 0.99 -23.60
CA SER A 348 -13.80 -0.26 -23.90
C SER A 348 -14.71 -1.46 -23.64
N ILE A 349 -15.37 -1.48 -22.49
CA ILE A 349 -16.23 -2.62 -22.16
C ILE A 349 -17.36 -2.74 -23.18
N ASN A 350 -17.98 -1.61 -23.54
CA ASN A 350 -19.03 -1.64 -24.55
C ASN A 350 -18.52 -2.17 -25.88
N ASN A 351 -17.31 -1.78 -26.29
CA ASN A 351 -16.76 -2.25 -27.55
C ASN A 351 -16.54 -3.75 -27.54
N VAL A 352 -16.00 -4.27 -26.44
CA VAL A 352 -15.72 -5.70 -26.37
C VAL A 352 -17.03 -6.49 -26.35
N LEU A 353 -18.02 -6.02 -25.58
CA LEU A 353 -19.30 -6.69 -25.55
C LEU A 353 -19.90 -6.79 -26.94
N ARG A 354 -19.87 -5.68 -27.67
CA ARG A 354 -20.43 -5.66 -29.01
C ARG A 354 -19.67 -6.61 -29.92
N ALA A 355 -18.35 -6.67 -29.79
CA ALA A 355 -17.57 -7.56 -30.66
C ALA A 355 -17.80 -9.02 -30.33
N HIS A 356 -18.09 -9.36 -29.07
CA HIS A 356 -18.15 -10.76 -28.69
C HIS A 356 -19.55 -11.30 -28.46
N ALA A 357 -20.57 -10.44 -28.51
CA ALA A 357 -21.95 -10.91 -28.43
C ALA A 357 -22.30 -11.99 -29.45
N PRO A 358 -21.79 -12.01 -30.68
CA PRO A 358 -22.17 -13.10 -31.59
C PRO A 358 -21.77 -14.46 -31.07
N PHE A 359 -20.68 -14.52 -30.31
CA PHE A 359 -20.02 -15.78 -29.96
C PHE A 359 -20.40 -16.31 -28.59
N TRP A 360 -20.85 -15.45 -27.68
CA TRP A 360 -21.08 -15.83 -26.29
C TRP A 360 -22.49 -15.40 -25.92
N SER A 361 -23.40 -16.38 -25.88
CA SER A 361 -24.80 -16.13 -25.60
CA SER A 361 -24.80 -16.08 -25.62
C SER A 361 -25.01 -15.47 -24.23
N SER A 362 -24.11 -15.73 -23.28
CA SER A 362 -24.23 -15.13 -21.95
C SER A 362 -24.02 -13.62 -21.96
N LEU A 363 -23.50 -13.05 -23.04
CA LEU A 363 -23.35 -11.61 -23.13
C LEU A 363 -24.60 -10.98 -23.76
N PRO B 8 -21.30 28.52 18.37
CA PRO B 8 -20.81 27.14 18.33
C PRO B 8 -19.71 26.87 19.35
N ILE B 9 -19.77 25.69 19.98
CA ILE B 9 -18.80 25.35 21.01
C ILE B 9 -17.45 24.97 20.39
N THR B 10 -17.46 24.44 19.17
CA THR B 10 -16.33 23.76 18.59
C THR B 10 -15.81 24.53 17.38
N GLY B 11 -14.50 24.80 17.36
CA GLY B 11 -13.88 25.39 16.20
C GLY B 11 -13.36 24.32 15.25
N LEU B 12 -13.26 24.67 13.97
CA LEU B 12 -12.70 23.77 12.98
C LEU B 12 -11.84 24.57 12.02
N VAL B 13 -10.64 24.06 11.72
CA VAL B 13 -9.77 24.71 10.76
C VAL B 13 -9.37 23.70 9.69
N TYR B 14 -9.45 24.12 8.43
CA TYR B 14 -9.05 23.31 7.29
C TYR B 14 -8.77 24.27 6.14
N ASP B 15 -7.68 24.04 5.43
CA ASP B 15 -7.35 24.85 4.27
C ASP B 15 -6.79 23.95 3.19
N GLN B 16 -7.47 23.88 2.04
CA GLN B 16 -7.06 23.00 0.95
C GLN B 16 -5.66 23.30 0.42
N ARG B 17 -5.06 24.44 0.78
CA ARG B 17 -3.69 24.71 0.33
C ARG B 17 -2.69 23.73 0.95
N MET B 18 -3.02 23.14 2.10
CA MET B 18 -2.12 22.14 2.66
C MET B 18 -2.06 20.86 1.83
N MET B 19 -2.92 20.72 0.80
CA MET B 19 -2.80 19.59 -0.13
C MET B 19 -1.63 19.74 -1.10
N LEU B 20 -1.05 20.94 -1.24
CA LEU B 20 -0.02 21.14 -2.25
C LEU B 20 1.29 20.41 -1.95
N HIS B 21 1.54 20.07 -0.69
CA HIS B 21 2.73 19.31 -0.34
C HIS B 21 2.58 17.89 -0.86
N HIS B 22 3.54 17.44 -1.70
CA HIS B 22 3.39 16.14 -2.33
C HIS B 22 4.75 15.48 -2.54
N ASN B 23 4.72 14.16 -2.81
CA ASN B 23 5.91 13.34 -3.03
C ASN B 23 6.17 13.27 -4.52
N MET B 24 7.19 14.01 -4.99
CA MET B 24 7.48 14.07 -6.42
C MET B 24 8.07 12.77 -6.95
N TRP B 25 8.58 11.91 -6.09
CA TRP B 25 9.26 10.69 -6.51
C TRP B 25 8.34 9.47 -6.43
N ASP B 26 7.18 9.60 -5.78
CA ASP B 26 6.29 8.46 -5.57
C ASP B 26 4.91 9.05 -5.22
N SER B 27 4.09 9.25 -6.26
CA SER B 27 2.77 9.85 -6.04
C SER B 27 1.85 8.97 -5.21
N HIS B 28 2.19 7.70 -5.00
CA HIS B 28 1.35 6.80 -4.22
C HIS B 28 1.83 6.67 -2.78
N HIS B 29 2.83 7.45 -2.39
CA HIS B 29 3.28 7.40 -1.00
C HIS B 29 2.11 7.69 -0.07
N PRO B 30 1.99 6.99 1.06
CA PRO B 30 0.74 7.04 1.84
C PRO B 30 0.43 8.38 2.47
N GLU B 31 1.40 9.27 2.69
CA GLU B 31 1.13 10.60 3.27
C GLU B 31 0.61 11.51 2.15
N LEU B 32 -0.68 11.26 1.72
CA LEU B 32 -1.26 11.83 0.51
C LEU B 32 -1.93 13.17 0.78
N PRO B 33 -1.96 14.06 -0.23
CA PRO B 33 -2.76 15.29 -0.11
C PRO B 33 -4.21 15.04 0.24
N GLN B 34 -4.83 13.99 -0.30
CA GLN B 34 -6.26 13.81 -0.07
C GLN B 34 -6.58 13.29 1.33
N ARG B 35 -5.58 13.10 2.20
CA ARG B 35 -5.91 12.74 3.58
C ARG B 35 -6.76 13.84 4.21
N ILE B 36 -6.37 15.10 4.02
CA ILE B 36 -7.09 16.16 4.68
C ILE B 36 -8.39 16.50 3.96
N SER B 37 -8.42 16.41 2.62
CA SER B 37 -9.66 16.72 1.90
C SER B 37 -10.73 15.67 2.12
N ARG B 38 -10.33 14.41 2.31
CA ARG B 38 -11.32 13.36 2.61
C ARG B 38 -11.90 13.54 4.00
N ILE B 39 -11.06 13.90 4.98
CA ILE B 39 -11.56 14.17 6.32
C ILE B 39 -12.51 15.36 6.31
N PHE B 40 -12.13 16.41 5.58
CA PHE B 40 -13.01 17.57 5.50
C PHE B 40 -14.32 17.21 4.81
N SER B 41 -14.27 16.44 3.70
CA SER B 41 -15.49 16.05 3.01
C SER B 41 -16.42 15.28 3.94
N ARG B 42 -15.86 14.40 4.76
CA ARG B 42 -16.68 13.62 5.68
C ARG B 42 -17.36 14.54 6.68
N HIS B 43 -16.65 15.57 7.16
CA HIS B 43 -17.26 16.53 8.08
C HIS B 43 -18.44 17.24 7.42
N GLU B 44 -18.33 17.54 6.12
CA GLU B 44 -19.46 18.11 5.38
C GLU B 44 -20.61 17.11 5.26
N GLU B 45 -20.30 15.87 4.86
CA GLU B 45 -21.34 14.87 4.65
C GLU B 45 -22.08 14.56 5.94
N LEU B 46 -21.36 14.50 7.05
CA LEU B 46 -21.99 14.22 8.34
C LEU B 46 -22.65 15.44 8.94
N ARG B 47 -22.61 16.58 8.24
CA ARG B 47 -23.20 17.83 8.70
C ARG B 47 -22.57 18.29 10.01
N LEU B 48 -21.30 17.94 10.22
CA LEU B 48 -20.54 18.47 11.34
C LEU B 48 -19.99 19.85 11.03
N LEU B 49 -19.68 20.12 9.77
CA LEU B 49 -19.05 21.39 9.40
C LEU B 49 -19.93 22.57 9.79
N SER B 50 -21.23 22.49 9.47
CA SER B 50 -22.13 23.61 9.72
C SER B 50 -22.38 23.82 11.20
N ARG B 51 -22.05 22.84 12.05
CA ARG B 51 -22.18 23.00 13.48
C ARG B 51 -20.93 23.63 14.12
N CYS B 52 -19.84 23.77 13.37
CA CYS B 52 -18.60 24.31 13.91
C CYS B 52 -18.42 25.78 13.55
N HIS B 53 -17.61 26.45 14.36
CA HIS B 53 -17.14 27.81 14.07
C HIS B 53 -15.89 27.69 13.23
N ARG B 54 -15.97 28.14 11.97
CA ARG B 54 -14.85 27.98 11.06
C ARG B 54 -13.73 28.94 11.44
N ILE B 55 -12.56 28.39 11.77
CA ILE B 55 -11.39 29.17 12.15
C ILE B 55 -10.48 29.28 10.94
N PRO B 56 -10.07 30.47 10.54
CA PRO B 56 -9.19 30.59 9.36
C PRO B 56 -7.81 30.00 9.63
N ALA B 57 -7.21 29.47 8.56
CA ALA B 57 -5.79 29.12 8.59
C ALA B 57 -4.93 30.37 8.46
N ARG B 58 -3.69 30.25 8.89
CA ARG B 58 -2.71 31.32 8.69
C ARG B 58 -1.33 30.68 8.72
N LEU B 59 -0.35 31.44 8.23
CA LEU B 59 1.04 31.02 8.27
C LEU B 59 1.61 31.25 9.66
N ALA B 60 2.28 30.23 10.20
CA ALA B 60 3.18 30.49 11.30
C ALA B 60 4.28 31.44 10.83
N THR B 61 4.75 32.29 11.75
CA THR B 61 5.88 33.15 11.44
C THR B 61 7.17 32.44 11.84
N GLU B 62 8.30 32.93 11.32
CA GLU B 62 9.58 32.34 11.71
C GLU B 62 9.86 32.56 13.19
N GLU B 63 9.35 33.64 13.77
CA GLU B 63 9.53 33.86 15.20
C GLU B 63 8.74 32.84 16.01
N GLU B 64 7.54 32.48 15.54
CA GLU B 64 6.78 31.42 16.21
C GLU B 64 7.46 30.06 16.07
N LEU B 65 8.02 29.76 14.90
CA LEU B 65 8.74 28.50 14.74
C LEU B 65 9.91 28.38 15.73
N ALA B 66 10.55 29.50 16.04
CA ALA B 66 11.66 29.55 16.99
C ALA B 66 11.24 29.23 18.41
N LEU B 67 9.94 29.14 18.71
CA LEU B 67 9.54 28.63 20.03
C LEU B 67 10.08 27.23 20.27
N CYS B 68 10.24 26.42 19.22
CA CYS B 68 10.74 25.04 19.38
C CYS B 68 11.91 24.68 18.48
N HIS B 69 12.16 25.41 17.40
CA HIS B 69 13.08 24.97 16.37
C HIS B 69 14.26 25.93 16.22
N SER B 70 15.39 25.36 15.79
CA SER B 70 16.62 26.11 15.64
C SER B 70 16.57 27.00 14.40
N SER B 71 17.36 28.06 14.42
CA SER B 71 17.43 28.94 13.27
CA SER B 71 17.43 28.94 13.27
C SER B 71 17.97 28.21 12.05
N LYS B 72 18.94 27.31 12.25
CA LYS B 72 19.46 26.54 11.12
C LYS B 72 18.38 25.68 10.47
N HIS B 73 17.60 24.96 11.28
CA HIS B 73 16.56 24.08 10.73
C HIS B 73 15.50 24.89 9.98
N ILE B 74 15.04 25.99 10.58
CA ILE B 74 14.04 26.85 9.94
C ILE B 74 14.55 27.34 8.59
N SER B 75 15.81 27.81 8.56
CA SER B 75 16.34 28.39 7.33
CA SER B 75 16.34 28.39 7.33
C SER B 75 16.49 27.34 6.23
N ILE B 76 16.88 26.12 6.59
CA ILE B 76 17.05 25.08 5.57
C ILE B 76 15.71 24.71 4.96
N ILE B 77 14.70 24.46 5.80
CA ILE B 77 13.39 24.10 5.27
C ILE B 77 12.82 25.26 4.45
N LYS B 78 12.99 26.49 4.95
CA LYS B 78 12.54 27.66 4.21
C LYS B 78 13.14 27.70 2.81
N SER B 79 14.42 27.35 2.70
CA SER B 79 15.11 27.44 1.41
C SER B 79 14.59 26.43 0.40
N SER B 80 13.87 25.39 0.82
CA SER B 80 13.37 24.41 -0.14
C SER B 80 12.30 25.01 -1.06
N GLU B 81 11.68 26.13 -0.67
CA GLU B 81 10.57 26.66 -1.46
C GLU B 81 11.01 26.99 -2.87
N HIS B 82 12.27 27.38 -3.05
CA HIS B 82 12.77 27.82 -4.35
C HIS B 82 13.77 26.85 -4.98
N MET B 83 13.88 25.62 -4.48
CA MET B 83 14.82 24.66 -5.05
C MET B 83 14.30 23.99 -6.32
N LYS B 84 15.23 23.65 -7.22
CA LYS B 84 14.95 22.81 -8.36
C LYS B 84 14.71 21.37 -7.92
N PRO B 85 14.03 20.56 -8.75
CA PRO B 85 13.74 19.17 -8.32
C PRO B 85 14.96 18.38 -7.86
N ARG B 86 16.11 18.51 -8.54
CA ARG B 86 17.30 17.77 -8.14
C ARG B 86 17.73 18.14 -6.73
N ASP B 87 17.64 19.42 -6.36
CA ASP B 87 18.02 19.84 -5.02
C ASP B 87 16.99 19.42 -3.98
N LEU B 88 15.70 19.39 -4.37
CA LEU B 88 14.69 18.87 -3.46
C LEU B 88 14.92 17.40 -3.17
N ASN B 89 15.34 16.64 -4.18
CA ASN B 89 15.64 15.24 -3.97
C ASN B 89 16.82 15.07 -3.02
N ARG B 90 17.90 15.83 -3.25
CA ARG B 90 19.07 15.75 -2.38
CA ARG B 90 19.07 15.75 -2.38
C ARG B 90 18.72 16.15 -0.94
N LEU B 91 17.96 17.24 -0.79
CA LEU B 91 17.62 17.70 0.55
C LEU B 91 16.80 16.66 1.29
N GLY B 92 15.84 16.02 0.61
CA GLY B 92 15.03 15.01 1.29
C GLY B 92 15.88 13.90 1.86
N ASP B 93 17.00 13.58 1.21
CA ASP B 93 17.90 12.54 1.67
C ASP B 93 18.76 12.95 2.87
N GLU B 94 18.72 14.21 3.29
CA GLU B 94 19.41 14.63 4.50
C GLU B 94 18.62 14.33 5.78
N TYR B 95 17.47 13.68 5.65
CA TYR B 95 16.57 13.40 6.77
C TYR B 95 16.16 11.93 6.72
N ASN B 96 15.71 11.43 7.87
CA ASN B 96 15.11 10.10 7.93
C ASN B 96 13.63 10.22 7.58
N SER B 97 13.23 9.61 6.45
CA SER B 97 11.82 9.41 6.09
C SER B 97 11.12 10.74 5.75
N ILE B 98 11.70 11.51 4.82
CA ILE B 98 11.18 12.81 4.46
C ILE B 98 11.18 12.92 2.94
N PHE B 99 10.06 13.41 2.37
CA PHE B 99 10.04 13.89 1.00
C PHE B 99 9.68 15.37 1.01
N ILE B 100 10.22 16.13 0.05
CA ILE B 100 10.05 17.58 0.01
C ILE B 100 9.66 18.03 -1.39
N SER B 101 8.72 18.96 -1.48
CA SER B 101 8.40 19.67 -2.72
C SER B 101 8.51 21.18 -2.48
N ASN B 102 8.34 21.97 -3.55
CA ASN B 102 8.46 23.42 -3.42
C ASN B 102 7.38 24.02 -2.53
N GLU B 103 6.30 23.30 -2.29
CA GLU B 103 5.21 23.78 -1.45
C GLU B 103 5.29 23.27 -0.02
N SER B 104 6.28 22.43 0.32
CA SER B 104 6.29 21.78 1.62
C SER B 104 6.39 22.79 2.75
N TYR B 105 7.31 23.76 2.64
CA TYR B 105 7.51 24.72 3.70
C TYR B 105 6.22 25.50 3.99
N THR B 106 5.58 26.01 2.94
CA THR B 106 4.33 26.75 3.10
C THR B 106 3.25 25.90 3.75
N CYS B 107 3.13 24.62 3.35
CA CYS B 107 2.12 23.77 3.97
C CYS B 107 2.42 23.54 5.45
N ALA B 108 3.69 23.29 5.78
CA ALA B 108 4.05 23.13 7.18
C ALA B 108 3.76 24.39 7.97
N LEU B 109 4.01 25.56 7.38
CA LEU B 109 3.66 26.81 8.04
C LEU B 109 2.16 26.92 8.27
N LEU B 110 1.37 26.53 7.28
CA LEU B 110 -0.08 26.59 7.42
C LEU B 110 -0.58 25.63 8.49
N ALA B 111 -0.02 24.41 8.53
CA ALA B 111 -0.40 23.45 9.56
C ALA B 111 -0.19 24.02 10.96
N ALA B 112 0.98 24.64 11.20
CA ALA B 112 1.26 25.19 12.52
C ALA B 112 0.42 26.43 12.81
N GLY B 113 0.25 27.32 11.82
CA GLY B 113 -0.53 28.52 12.03
C GLY B 113 -2.01 28.25 12.25
N SER B 114 -2.56 27.25 11.56
CA SER B 114 -3.93 26.82 11.82
C SER B 114 -4.11 26.41 13.27
N CYS B 115 -3.15 25.67 13.81
CA CYS B 115 -3.25 25.23 15.20
C CYS B 115 -3.05 26.39 16.16
N PHE B 116 -2.21 27.37 15.81
CA PHE B 116 -2.10 28.57 16.64
C PHE B 116 -3.43 29.31 16.71
N ASN B 117 -4.11 29.46 15.56
CA ASN B 117 -5.41 30.15 15.57
C ASN B 117 -6.45 29.36 16.35
N SER B 118 -6.33 28.02 16.35
CA SER B 118 -7.25 27.20 17.14
C SER B 118 -6.99 27.35 18.63
N ALA B 119 -5.73 27.28 19.05
CA ALA B 119 -5.42 27.47 20.46
C ALA B 119 -5.81 28.87 20.92
N GLN B 120 -5.59 29.88 20.07
CA GLN B 120 -5.97 31.24 20.40
C GLN B 120 -7.47 31.33 20.64
N ALA B 121 -8.26 30.75 19.73
CA ALA B 121 -9.71 30.79 19.87
C ALA B 121 -10.18 30.13 21.15
N ILE B 122 -9.46 29.09 21.59
CA ILE B 122 -9.82 28.43 22.84
C ILE B 122 -9.46 29.33 24.02
N LEU B 123 -8.29 29.95 23.98
CA LEU B 123 -7.81 30.72 25.12
C LEU B 123 -8.46 32.09 25.25
N THR B 124 -9.12 32.60 24.21
CA THR B 124 -9.95 33.80 24.37
C THR B 124 -11.38 33.47 24.74
N GLY B 125 -11.75 32.20 24.68
CA GLY B 125 -13.13 31.82 24.92
C GLY B 125 -14.02 31.90 23.71
N GLN B 126 -13.45 32.12 22.53
CA GLN B 126 -14.28 32.16 21.32
C GLN B 126 -14.93 30.80 21.05
N VAL B 127 -14.18 29.71 21.25
CA VAL B 127 -14.73 28.36 21.21
C VAL B 127 -14.34 27.67 22.51
N ARG B 128 -14.98 26.52 22.77
CA ARG B 128 -14.60 25.70 23.92
C ARG B 128 -13.52 24.69 23.57
N ASN B 129 -13.57 24.14 22.36
CA ASN B 129 -12.66 23.10 21.90
C ASN B 129 -12.55 23.24 20.39
N ALA B 130 -11.65 22.48 19.77
CA ALA B 130 -11.44 22.67 18.34
C ALA B 130 -10.78 21.45 17.70
N VAL B 131 -10.92 21.35 16.38
N VAL B 131 -10.93 21.36 16.38
CA VAL B 131 -10.30 20.30 15.58
CA VAL B 131 -10.33 20.32 15.55
C VAL B 131 -9.54 20.97 14.44
C VAL B 131 -9.52 21.01 14.47
N ALA B 132 -8.36 20.43 14.13
CA ALA B 132 -7.48 21.01 13.12
C ALA B 132 -7.12 19.92 12.12
N ILE B 133 -7.61 20.06 10.89
CA ILE B 133 -7.42 19.07 9.84
C ILE B 133 -6.23 19.55 9.01
N VAL B 134 -5.02 19.17 9.43
CA VAL B 134 -3.79 19.73 8.88
C VAL B 134 -2.84 18.64 8.40
N ARG B 135 -1.99 19.01 7.43
CA ARG B 135 -0.84 18.21 7.05
C ARG B 135 0.20 19.17 6.50
N PRO B 136 1.49 18.77 6.49
CA PRO B 136 2.13 17.54 6.96
C PRO B 136 2.06 17.43 8.48
N PRO B 137 2.20 16.22 9.03
CA PRO B 137 2.13 16.05 10.49
C PRO B 137 3.32 16.68 11.20
N GLY B 138 3.35 16.60 12.52
CA GLY B 138 4.38 17.29 13.25
C GLY B 138 5.19 16.49 14.24
N HIS B 139 4.66 15.38 14.78
CA HIS B 139 5.20 14.92 16.05
C HIS B 139 6.57 14.23 15.96
N HIS B 140 7.02 13.83 14.76
CA HIS B 140 8.38 13.30 14.66
C HIS B 140 9.43 14.40 14.50
N ALA B 141 9.02 15.65 14.31
CA ALA B 141 9.99 16.69 14.05
C ALA B 141 10.66 17.11 15.34
N GLU B 142 11.99 17.27 15.28
CA GLU B 142 12.81 17.63 16.41
C GLU B 142 13.15 19.11 16.36
N LYS B 143 13.78 19.61 17.43
CA LYS B 143 14.19 21.00 17.44
CA LYS B 143 14.21 21.01 17.44
C LYS B 143 15.05 21.34 16.22
N ASP B 144 15.99 20.47 15.87
CA ASP B 144 16.97 20.78 14.85
C ASP B 144 16.82 19.95 13.57
N THR B 145 15.73 19.18 13.41
CA THR B 145 15.64 18.42 12.17
C THR B 145 14.22 17.95 11.88
N ALA B 146 13.96 17.68 10.59
CA ALA B 146 12.73 17.04 10.13
C ALA B 146 12.89 15.52 10.18
N CYS B 147 11.77 14.83 10.26
CA CYS B 147 11.81 13.37 10.38
C CYS B 147 10.41 12.81 10.17
N GLY B 148 10.33 11.65 9.53
CA GLY B 148 9.08 10.89 9.46
C GLY B 148 7.86 11.65 8.96
N PHE B 149 8.01 12.31 7.81
CA PHE B 149 6.99 13.10 7.12
C PHE B 149 6.69 14.42 7.82
N CYS B 150 7.42 14.77 8.87
CA CYS B 150 7.15 15.95 9.70
C CYS B 150 8.26 16.97 9.55
N PHE B 151 7.90 18.24 9.37
CA PHE B 151 8.90 19.29 9.22
C PHE B 151 9.08 20.13 10.48
N PHE B 152 7.98 20.61 11.05
CA PHE B 152 8.00 21.34 12.31
C PHE B 152 7.00 20.67 13.24
N ASN B 153 7.28 20.75 14.54
CA ASN B 153 6.46 19.98 15.47
C ASN B 153 5.25 20.82 15.86
N THR B 154 4.19 20.67 15.07
CA THR B 154 2.99 21.48 15.21
C THR B 154 2.43 21.45 16.63
N ALA B 155 2.31 20.25 17.22
CA ALA B 155 1.73 20.16 18.56
C ALA B 155 2.65 20.79 19.60
N ALA B 156 3.96 20.59 19.47
CA ALA B 156 4.87 21.21 20.44
C ALA B 156 4.86 22.72 20.30
N LEU B 157 4.84 23.21 19.05
CA LEU B 157 4.76 24.65 18.83
C LEU B 157 3.49 25.24 19.41
N THR B 158 2.39 24.50 19.31
CA THR B 158 1.10 25.00 19.79
C THR B 158 1.09 25.10 21.30
N ALA B 159 1.73 24.15 21.98
CA ALA B 159 1.89 24.22 23.43
C ALA B 159 2.71 25.44 23.86
N ARG B 160 3.85 25.67 23.19
CA ARG B 160 4.66 26.85 23.48
C ARG B 160 3.95 28.14 23.06
N TYR B 161 3.19 28.10 21.96
CA TYR B 161 2.43 29.27 21.57
C TYR B 161 1.36 29.61 22.61
N ALA B 162 0.65 28.58 23.11
CA ALA B 162 -0.34 28.80 24.15
C ALA B 162 0.28 29.41 25.39
N GLN B 163 1.48 28.95 25.76
CA GLN B 163 2.16 29.54 26.91
C GLN B 163 2.58 30.98 26.64
N SER B 164 2.98 31.29 25.41
CA SER B 164 3.48 32.63 25.11
C SER B 164 2.37 33.68 25.18
N ILE B 165 1.11 33.29 24.97
CA ILE B 165 0.01 34.26 25.00
C ILE B 165 -0.80 34.19 26.30
N THR B 166 -0.45 33.29 27.22
CA THR B 166 -1.04 33.27 28.54
C THR B 166 0.05 33.44 29.58
N ARG B 167 0.61 32.33 30.10
CA ARG B 167 1.75 32.42 30.98
C ARG B 167 2.70 31.26 30.73
N GLU B 168 3.98 31.49 31.00
CA GLU B 168 5.02 30.51 30.67
C GLU B 168 4.77 29.16 31.32
N SER B 169 4.11 29.14 32.48
CA SER B 169 3.89 27.90 33.23
C SER B 169 2.52 27.28 32.98
N LEU B 170 1.76 27.77 31.99
CA LEU B 170 0.47 27.17 31.67
C LEU B 170 0.61 25.67 31.49
N ARG B 171 -0.22 24.91 32.21
CA ARG B 171 -0.12 23.45 32.22
C ARG B 171 -0.80 22.89 30.98
N VAL B 172 -0.03 22.28 30.08
CA VAL B 172 -0.54 21.73 28.83
C VAL B 172 -0.31 20.24 28.84
N LEU B 173 -1.37 19.48 28.60
CA LEU B 173 -1.27 18.04 28.41
C LEU B 173 -1.28 17.76 26.91
N ILE B 174 -0.30 16.99 26.43
CA ILE B 174 -0.31 16.47 25.07
C ILE B 174 -0.53 14.97 25.15
N VAL B 175 -1.64 14.51 24.59
CA VAL B 175 -1.92 13.09 24.45
C VAL B 175 -1.69 12.71 23.00
N ASP B 176 -0.81 11.76 22.76
CA ASP B 176 -0.40 11.36 21.42
C ASP B 176 -0.85 9.92 21.18
N TRP B 177 -1.96 9.75 20.45
CA TRP B 177 -2.49 8.42 20.17
C TRP B 177 -2.24 7.96 18.73
N ASP B 178 -1.43 8.70 17.98
CA ASP B 178 -0.82 8.19 16.76
C ASP B 178 -0.12 6.86 17.09
N VAL B 179 -0.17 5.91 16.16
CA VAL B 179 0.39 4.59 16.45
C VAL B 179 1.91 4.66 16.63
N HIS B 180 2.54 5.74 16.20
CA HIS B 180 3.99 5.91 16.29
C HIS B 180 4.35 6.79 17.48
N HIS B 181 5.52 6.55 18.06
CA HIS B 181 6.00 7.41 19.15
C HIS B 181 6.33 8.80 18.61
N GLY B 182 5.83 9.84 19.29
CA GLY B 182 6.18 11.21 18.94
C GLY B 182 7.53 11.58 19.55
N ASN B 183 8.60 11.06 18.95
CA ASN B 183 9.95 11.28 19.47
C ASN B 183 10.28 12.77 19.58
N GLY B 184 9.89 13.55 18.58
CA GLY B 184 10.18 14.98 18.62
C GLY B 184 9.49 15.65 19.79
N THR B 185 8.20 15.35 19.99
CA THR B 185 7.47 15.95 21.10
C THR B 185 8.07 15.57 22.44
N GLN B 186 8.41 14.28 22.62
CA GLN B 186 9.04 13.84 23.86
C GLN B 186 10.31 14.62 24.15
N HIS B 187 11.16 14.76 23.13
CA HIS B 187 12.46 15.38 23.33
C HIS B 187 12.33 16.87 23.63
N ILE B 188 11.40 17.55 22.95
CA ILE B 188 11.24 18.99 23.16
C ILE B 188 10.84 19.28 24.61
N PHE B 189 10.02 18.42 25.21
CA PHE B 189 9.48 18.69 26.54
C PHE B 189 10.09 17.80 27.63
N GLU B 190 11.16 17.06 27.32
CA GLU B 190 11.64 16.04 28.25
C GLU B 190 12.08 16.63 29.59
N GLU B 191 12.63 17.84 29.59
CA GLU B 191 13.10 18.51 30.80
C GLU B 191 12.02 19.35 31.46
N ASP B 192 10.79 19.31 30.96
CA ASP B 192 9.76 20.29 31.29
C ASP B 192 8.64 19.64 32.10
N ASP B 193 8.27 20.29 33.21
CA ASP B 193 7.13 19.85 34.01
C ASP B 193 5.86 20.67 33.73
N SER B 194 5.93 21.65 32.84
CA SER B 194 4.73 22.40 32.46
C SER B 194 3.99 21.75 31.30
N VAL B 195 4.62 20.83 30.58
CA VAL B 195 3.97 20.10 29.50
C VAL B 195 4.11 18.61 29.81
N LEU B 196 2.98 17.97 30.10
CA LEU B 196 2.93 16.53 30.32
C LEU B 196 2.68 15.87 28.97
N TYR B 197 3.60 15.00 28.54
CA TYR B 197 3.49 14.29 27.27
C TYR B 197 3.15 12.83 27.56
N ILE B 198 2.05 12.36 26.97
CA ILE B 198 1.63 10.97 27.12
C ILE B 198 1.44 10.39 25.73
N SER B 199 2.25 9.38 25.40
CA SER B 199 2.17 8.70 24.10
C SER B 199 1.81 7.24 24.30
N LEU B 200 0.86 6.76 23.51
CA LEU B 200 0.60 5.34 23.32
C LEU B 200 1.08 4.99 21.93
N HIS B 201 1.81 3.89 21.79
CA HIS B 201 2.39 3.63 20.49
C HIS B 201 2.80 2.17 20.35
N ARG B 202 2.69 1.67 19.12
CA ARG B 202 3.30 0.41 18.77
C ARG B 202 4.82 0.51 18.89
N TYR B 203 5.42 -0.38 19.67
CA TYR B 203 6.84 -0.32 20.00
C TYR B 203 7.60 -1.54 19.49
N GLU B 204 7.10 -2.74 19.78
CA GLU B 204 7.74 -3.99 19.35
C GLU B 204 9.20 -4.03 19.72
N ASP B 205 9.50 -3.68 20.98
CA ASP B 205 10.85 -3.77 21.54
C ASP B 205 11.85 -2.96 20.72
N GLY B 206 11.39 -1.81 20.22
CA GLY B 206 12.25 -0.90 19.49
C GLY B 206 12.32 -1.12 17.99
N ALA B 207 11.59 -2.10 17.44
CA ALA B 207 11.67 -2.41 16.02
C ALA B 207 10.73 -1.57 15.14
N PHE B 208 9.70 -0.97 15.72
CA PHE B 208 8.74 -0.18 14.97
C PHE B 208 9.20 1.27 14.84
N PHE B 209 8.85 1.90 13.71
CA PHE B 209 9.24 3.30 13.52
C PHE B 209 8.74 4.13 14.69
N PRO B 210 9.54 5.07 15.22
CA PRO B 210 10.84 5.57 14.74
C PRO B 210 12.08 4.83 15.26
N ASN B 211 11.93 3.59 15.69
CA ASN B 211 13.05 2.66 15.83
C ASN B 211 14.00 3.01 16.96
N SER B 212 13.50 3.59 18.05
CA SER B 212 14.36 3.99 19.16
C SER B 212 13.81 3.52 20.49
N GLU B 213 14.72 3.12 21.39
CA GLU B 213 14.37 2.79 22.77
C GLU B 213 13.96 4.01 23.58
N ASP B 214 14.06 5.22 23.02
CA ASP B 214 13.47 6.40 23.65
C ASP B 214 11.98 6.25 23.91
N ALA B 215 11.31 5.39 23.15
CA ALA B 215 9.87 5.21 23.26
C ALA B 215 9.46 4.22 24.35
N ASN B 216 10.41 3.64 25.06
CA ASN B 216 10.05 2.62 26.04
C ASN B 216 9.49 3.26 27.32
N TYR B 217 8.84 2.41 28.14
CA TYR B 217 8.13 2.91 29.31
C TYR B 217 9.05 3.52 30.35
N ASP B 218 10.33 3.15 30.36
CA ASP B 218 11.22 3.62 31.43
C ASP B 218 11.79 5.00 31.16
N LYS B 219 11.45 5.63 30.03
CA LYS B 219 11.81 7.02 29.78
C LYS B 219 10.72 7.89 30.37
N VAL B 220 10.93 8.33 31.62
CA VAL B 220 9.90 9.01 32.39
C VAL B 220 10.07 10.52 32.40
N GLY B 221 11.04 11.05 31.68
CA GLY B 221 11.38 12.46 31.74
C GLY B 221 12.70 12.68 32.46
N LEU B 222 13.17 13.93 32.38
CA LEU B 222 14.50 14.31 32.84
C LEU B 222 14.42 15.54 33.72
N GLY B 223 15.24 15.55 34.78
CA GLY B 223 15.34 16.73 35.64
C GLY B 223 14.01 17.10 36.29
N LYS B 224 13.64 18.38 36.17
CA LYS B 224 12.31 18.84 36.55
C LYS B 224 11.20 18.08 35.83
N GLY B 225 11.51 17.43 34.72
CA GLY B 225 10.50 16.74 33.96
C GLY B 225 10.33 15.28 34.33
N ARG B 226 11.07 14.80 35.32
CA ARG B 226 10.89 13.41 35.76
C ARG B 226 9.44 13.20 36.20
N GLY B 227 8.77 12.25 35.54
CA GLY B 227 7.37 11.96 35.76
C GLY B 227 6.44 12.59 34.74
N TYR B 228 6.94 13.52 33.93
CA TYR B 228 6.08 14.26 33.01
C TYR B 228 6.24 13.78 31.58
N ASN B 229 6.80 12.59 31.40
CA ASN B 229 6.85 11.92 30.10
C ASN B 229 6.37 10.49 30.32
N VAL B 230 5.23 10.15 29.72
CA VAL B 230 4.57 8.85 29.95
C VAL B 230 4.51 8.11 28.61
N ASN B 231 5.34 7.06 28.46
CA ASN B 231 5.33 6.24 27.26
C ASN B 231 4.58 4.95 27.55
N ILE B 232 3.60 4.64 26.72
CA ILE B 232 2.83 3.41 26.86
C ILE B 232 3.09 2.55 25.64
N PRO B 233 4.09 1.68 25.67
CA PRO B 233 4.50 0.96 24.46
C PRO B 233 3.79 -0.37 24.31
N TRP B 234 3.27 -0.66 23.11
CA TRP B 234 2.62 -1.94 22.82
C TRP B 234 3.59 -2.88 22.10
N ASN B 235 3.56 -4.15 22.51
CA ASN B 235 4.37 -5.20 21.91
C ASN B 235 3.51 -6.44 21.67
N GLY B 236 3.81 -7.16 20.60
CA GLY B 236 3.29 -8.50 20.38
C GLY B 236 1.79 -8.65 20.36
N GLY B 237 1.09 -7.76 19.67
CA GLY B 237 -0.34 -7.86 19.64
C GLY B 237 -0.97 -6.84 18.71
N LYS B 238 -2.09 -7.19 18.10
CA LYS B 238 -2.86 -6.29 17.24
C LYS B 238 -3.81 -5.54 18.14
N MET B 239 -3.33 -4.46 18.75
CA MET B 239 -4.10 -3.81 19.81
C MET B 239 -5.30 -3.06 19.23
N GLY B 240 -6.31 -2.88 20.08
CA GLY B 240 -7.54 -2.23 19.68
C GLY B 240 -8.24 -1.53 20.83
N ASP B 241 -9.55 -1.31 20.70
CA ASP B 241 -10.31 -0.63 21.75
C ASP B 241 -10.06 -1.16 23.15
N PRO B 242 -10.08 -2.48 23.41
CA PRO B 242 -9.90 -2.92 24.80
C PRO B 242 -8.61 -2.43 25.43
N GLU B 243 -7.51 -2.48 24.68
CA GLU B 243 -6.21 -2.10 25.22
C GLU B 243 -6.13 -0.59 25.43
N TYR B 244 -6.62 0.19 24.47
CA TYR B 244 -6.60 1.64 24.62
C TYR B 244 -7.56 2.10 25.72
N MET B 245 -8.73 1.47 25.83
CA MET B 245 -9.65 1.84 26.91
C MET B 245 -9.03 1.52 28.27
N ALA B 246 -8.31 0.40 28.37
CA ALA B 246 -7.66 0.03 29.62
C ALA B 246 -6.55 0.99 29.98
N ALA B 247 -5.70 1.33 29.00
CA ALA B 247 -4.62 2.29 29.26
C ALA B 247 -5.17 3.65 29.65
N PHE B 248 -6.25 4.09 29.01
CA PHE B 248 -6.87 5.34 29.42
C PHE B 248 -7.42 5.25 30.83
N HIS B 249 -8.03 4.13 31.20
CA HIS B 249 -8.69 4.07 32.49
C HIS B 249 -7.68 4.01 33.64
N HIS B 250 -6.58 3.27 33.45
CA HIS B 250 -5.64 3.02 34.52
C HIS B 250 -4.41 3.91 34.49
N LEU B 251 -4.10 4.51 33.33
CA LEU B 251 -2.89 5.32 33.20
C LEU B 251 -3.19 6.74 32.76
N VAL B 252 -3.73 6.93 31.55
CA VAL B 252 -3.83 8.29 30.99
C VAL B 252 -4.65 9.18 31.89
N MET B 253 -5.87 8.76 32.23
CA MET B 253 -6.79 9.64 32.92
C MET B 253 -6.39 9.89 34.38
N PRO B 254 -5.96 8.89 35.16
CA PRO B 254 -5.51 9.21 36.54
C PRO B 254 -4.34 10.18 36.56
N ILE B 255 -3.35 10.00 35.68
CA ILE B 255 -2.21 10.92 35.64
C ILE B 255 -2.67 12.31 35.20
N ALA B 256 -3.48 12.38 34.13
CA ALA B 256 -3.89 13.68 33.62
C ALA B 256 -4.71 14.45 34.66
N ARG B 257 -5.60 13.77 35.39
CA ARG B 257 -6.39 14.46 36.40
C ARG B 257 -5.50 15.04 37.48
N GLU B 258 -4.48 14.30 37.91
CA GLU B 258 -3.57 14.80 38.93
C GLU B 258 -2.78 15.99 38.40
N PHE B 259 -2.34 15.92 37.13
CA PHE B 259 -1.62 17.02 36.50
C PHE B 259 -2.49 18.28 36.43
N ALA B 260 -3.81 18.10 36.23
CA ALA B 260 -4.80 19.16 36.10
C ALA B 260 -4.42 20.12 34.99
N PRO B 261 -4.42 19.67 33.74
CA PRO B 261 -4.05 20.57 32.63
C PRO B 261 -5.00 21.75 32.51
N GLU B 262 -4.46 22.86 32.03
CA GLU B 262 -5.26 24.02 31.65
C GLU B 262 -5.58 24.05 30.16
N LEU B 263 -4.93 23.19 29.38
CA LEU B 263 -5.17 23.02 27.95
C LEU B 263 -4.76 21.60 27.58
N VAL B 264 -5.57 20.95 26.75
CA VAL B 264 -5.27 19.60 26.26
C VAL B 264 -5.11 19.66 24.75
N LEU B 265 -3.99 19.16 24.27
CA LEU B 265 -3.74 19.00 22.84
C LEU B 265 -3.67 17.51 22.56
N VAL B 266 -4.34 17.07 21.50
CA VAL B 266 -4.27 15.68 21.08
C VAL B 266 -3.45 15.62 19.80
N SER B 267 -2.31 14.92 19.86
CA SER B 267 -1.61 14.56 18.64
C SER B 267 -2.36 13.36 18.06
N ALA B 268 -3.35 13.67 17.23
CA ALA B 268 -4.37 12.69 16.84
C ALA B 268 -4.04 12.11 15.46
N GLY B 269 -3.03 11.25 15.44
CA GLY B 269 -2.86 10.38 14.31
C GLY B 269 -3.92 9.29 14.34
N PHE B 270 -4.37 8.87 13.16
CA PHE B 270 -5.36 7.81 13.11
C PHE B 270 -4.80 6.59 12.39
N ASP B 271 -3.50 6.35 12.56
CA ASP B 271 -2.87 5.17 11.99
C ASP B 271 -2.88 3.97 12.94
N ALA B 272 -3.41 4.12 14.15
CA ALA B 272 -3.75 2.94 14.95
C ALA B 272 -5.15 2.42 14.62
N ALA B 273 -5.81 2.97 13.61
CA ALA B 273 -7.18 2.64 13.30
C ALA B 273 -7.29 1.31 12.58
N ARG B 274 -8.40 0.61 12.83
CA ARG B 274 -8.72 -0.54 12.02
C ARG B 274 -8.66 -0.16 10.55
N GLY B 275 -7.95 -0.97 9.76
CA GLY B 275 -7.80 -0.73 8.35
C GLY B 275 -6.56 0.05 7.93
N ASP B 276 -5.78 0.56 8.86
CA ASP B 276 -4.60 1.32 8.46
C ASP B 276 -3.54 0.39 7.88
N PRO B 277 -2.94 0.72 6.74
CA PRO B 277 -1.94 -0.18 6.15
C PRO B 277 -0.59 -0.15 6.84
N LEU B 278 -0.30 0.89 7.63
CA LEU B 278 1.00 1.00 8.26
C LEU B 278 1.00 0.62 9.74
N GLY B 279 -0.12 0.81 10.43
CA GLY B 279 -0.14 0.61 11.86
C GLY B 279 -0.36 -0.83 12.30
N GLY B 280 -1.23 -1.55 11.63
CA GLY B 280 -1.54 -2.91 12.03
C GLY B 280 -2.44 -3.05 13.25
N PHE B 281 -3.01 -1.96 13.75
CA PHE B 281 -3.87 -2.03 14.93
C PHE B 281 -5.33 -1.93 14.49
N GLN B 282 -6.24 -1.91 15.47
CA GLN B 282 -7.66 -1.99 15.11
C GLN B 282 -8.52 -1.15 16.04
N VAL B 283 -8.05 0.03 16.44
CA VAL B 283 -8.93 0.96 17.13
C VAL B 283 -10.04 1.35 16.18
N THR B 284 -11.30 1.30 16.67
CA THR B 284 -12.47 1.58 15.86
C THR B 284 -12.84 3.06 15.96
N PRO B 285 -13.66 3.58 15.04
CA PRO B 285 -14.07 5.00 15.17
C PRO B 285 -14.80 5.28 16.47
N GLU B 286 -15.60 4.32 16.96
CA GLU B 286 -16.24 4.47 18.26
C GLU B 286 -15.21 4.50 19.38
N GLY B 287 -14.14 3.71 19.25
CA GLY B 287 -13.05 3.78 20.21
C GLY B 287 -12.46 5.17 20.34
N TYR B 288 -12.17 5.80 19.19
CA TYR B 288 -11.65 7.16 19.21
C TYR B 288 -12.66 8.12 19.83
N ALA B 289 -13.95 7.91 19.60
CA ALA B 289 -14.95 8.75 20.22
C ALA B 289 -14.87 8.68 21.74
N HIS B 290 -14.65 7.48 22.29
CA HIS B 290 -14.61 7.34 23.73
C HIS B 290 -13.33 7.92 24.32
N LEU B 291 -12.21 7.78 23.62
CA LEU B 291 -10.99 8.46 24.05
C LEU B 291 -11.19 9.98 24.09
N THR B 292 -11.81 10.53 23.04
CA THR B 292 -12.05 11.98 23.00
C THR B 292 -12.97 12.40 24.14
N HIS B 293 -14.05 11.65 24.35
CA HIS B 293 -15.03 12.01 25.36
C HIS B 293 -14.39 12.02 26.75
N GLN B 294 -13.46 11.09 27.00
CA GLN B 294 -12.76 11.09 28.29
C GLN B 294 -11.85 12.31 28.43
N LEU B 295 -11.17 12.71 27.36
CA LEU B 295 -10.28 13.87 27.46
C LEU B 295 -11.07 15.15 27.67
N MET B 296 -12.32 15.20 27.20
CA MET B 296 -13.16 16.38 27.40
C MET B 296 -13.48 16.64 28.87
N SER B 297 -13.28 15.67 29.75
CA SER B 297 -13.48 15.93 31.17
C SER B 297 -12.33 16.72 31.80
N LEU B 298 -11.24 16.94 31.06
CA LEU B 298 -10.09 17.69 31.53
C LEU B 298 -10.15 19.15 31.07
N ALA B 299 -9.45 20.00 31.82
CA ALA B 299 -9.16 21.39 31.40
C ALA B 299 -10.42 22.18 31.08
N ALA B 300 -11.50 21.93 31.82
CA ALA B 300 -12.80 22.58 31.58
C ALA B 300 -13.25 22.42 30.13
N GLY B 301 -12.87 21.31 29.51
CA GLY B 301 -13.22 21.00 28.14
C GLY B 301 -12.33 21.61 27.07
N ARG B 302 -11.27 22.33 27.44
CA ARG B 302 -10.42 22.99 26.46
C ARG B 302 -9.52 21.95 25.80
N VAL B 303 -10.01 21.38 24.70
CA VAL B 303 -9.31 20.31 23.98
C VAL B 303 -9.16 20.72 22.53
N LEU B 304 -7.94 20.62 22.00
CA LEU B 304 -7.67 20.85 20.60
C LEU B 304 -7.14 19.55 19.99
N ILE B 305 -7.81 19.06 18.96
CA ILE B 305 -7.43 17.82 18.28
C ILE B 305 -6.68 18.16 17.01
N ILE B 306 -5.44 17.69 16.90
CA ILE B 306 -4.55 18.01 15.79
C ILE B 306 -4.27 16.74 15.00
N LEU B 307 -4.61 16.75 13.71
CA LEU B 307 -4.30 15.59 12.88
C LEU B 307 -2.80 15.37 12.77
N GLU B 308 -2.37 14.13 12.97
CA GLU B 308 -0.98 13.71 12.72
C GLU B 308 -0.98 12.70 11.57
N GLY B 309 -0.65 11.43 11.87
CA GLY B 309 -0.65 10.39 10.86
C GLY B 309 -2.03 9.80 10.64
N GLY B 310 -2.05 8.65 9.95
CA GLY B 310 -3.30 7.98 9.60
C GLY B 310 -3.46 7.88 8.09
N TYR B 311 -3.47 6.66 7.55
CA TYR B 311 -3.23 6.46 6.12
C TYR B 311 -4.32 5.69 5.37
N ASN B 312 -5.35 5.20 6.03
CA ASN B 312 -6.51 4.66 5.34
C ASN B 312 -7.54 5.78 5.24
N LEU B 313 -7.80 6.25 4.02
CA LEU B 313 -8.62 7.46 3.86
C LEU B 313 -10.00 7.29 4.49
N THR B 314 -10.58 6.10 4.39
CA THR B 314 -11.88 5.89 5.01
C THR B 314 -11.77 5.85 6.53
N SER B 315 -10.79 5.11 7.05
CA SER B 315 -10.62 5.02 8.50
C SER B 315 -10.37 6.39 9.13
N ILE B 316 -9.51 7.20 8.52
CA ILE B 316 -9.21 8.47 9.18
C ILE B 316 -10.41 9.42 9.08
N SER B 317 -11.15 9.37 7.98
CA SER B 317 -12.30 10.25 7.84
C SER B 317 -13.39 9.90 8.85
N GLU B 318 -13.70 8.61 8.99
CA GLU B 318 -14.69 8.21 9.99
CA GLU B 318 -14.70 8.23 9.99
C GLU B 318 -14.21 8.49 11.41
N SER B 319 -12.91 8.25 11.67
CA SER B 319 -12.40 8.37 13.04
C SER B 319 -12.30 9.83 13.49
N MET B 320 -11.72 10.71 12.66
CA MET B 320 -11.62 12.09 13.11
C MET B 320 -12.98 12.76 13.21
N SER B 321 -13.90 12.40 12.30
CA SER B 321 -15.25 12.93 12.37
C SER B 321 -15.96 12.52 13.65
N MET B 322 -15.75 11.28 14.10
CA MET B 322 -16.29 10.87 15.39
C MET B 322 -15.75 11.73 16.51
N CYS B 323 -14.45 12.07 16.46
CA CYS B 323 -13.88 12.94 17.48
C CYS B 323 -14.56 14.31 17.47
N THR B 324 -14.78 14.88 16.29
CA THR B 324 -15.46 16.18 16.21
C THR B 324 -16.88 16.10 16.76
N SER B 325 -17.59 15.02 16.44
CA SER B 325 -18.94 14.83 16.97
CA SER B 325 -18.94 14.83 16.97
C SER B 325 -18.92 14.84 18.50
N MET B 326 -17.93 14.18 19.10
CA MET B 326 -17.81 14.21 20.56
C MET B 326 -17.56 15.62 21.06
N LEU B 327 -16.66 16.37 20.40
CA LEU B 327 -16.38 17.74 20.83
C LEU B 327 -17.63 18.60 20.78
N LEU B 328 -18.51 18.35 19.81
CA LEU B 328 -19.76 19.10 19.69
C LEU B 328 -20.78 18.72 20.75
N GLY B 329 -20.52 17.68 21.55
CA GLY B 329 -21.41 17.31 22.64
C GLY B 329 -22.31 16.11 22.35
N ASP B 330 -22.14 15.46 21.21
CA ASP B 330 -22.93 14.28 20.90
C ASP B 330 -22.62 13.14 21.86
N SER B 331 -23.62 12.25 22.05
CA SER B 331 -23.48 11.15 22.99
C SER B 331 -22.54 10.09 22.42
N PRO B 332 -21.65 9.52 23.23
CA PRO B 332 -20.68 8.55 22.72
C PRO B 332 -21.38 7.33 22.17
N PRO B 333 -20.93 6.82 21.03
CA PRO B 333 -21.55 5.61 20.47
C PRO B 333 -21.17 4.39 21.29
N SER B 334 -21.96 3.33 21.14
CA SER B 334 -21.73 2.11 21.90
CA SER B 334 -21.73 2.11 21.90
C SER B 334 -20.51 1.38 21.34
N LEU B 335 -19.63 0.95 22.25
CA LEU B 335 -18.48 0.14 21.87
C LEU B 335 -18.90 -1.32 21.69
N ASP B 336 -18.14 -2.06 20.89
CA ASP B 336 -18.26 -3.51 20.89
C ASP B 336 -17.83 -4.07 22.24
N HIS B 337 -18.24 -5.31 22.51
CA HIS B 337 -17.86 -5.98 23.74
C HIS B 337 -16.34 -5.96 23.90
N LEU B 338 -15.89 -5.56 25.10
CA LEU B 338 -14.47 -5.38 25.37
C LEU B 338 -13.87 -6.71 25.80
N THR B 339 -13.21 -7.40 24.86
CA THR B 339 -12.49 -8.61 25.18
C THR B 339 -11.39 -8.30 26.19
N PRO B 340 -11.08 -9.23 27.09
CA PRO B 340 -10.06 -8.96 28.11
C PRO B 340 -8.66 -8.91 27.49
N LEU B 341 -7.77 -8.22 28.18
CA LEU B 341 -6.42 -8.02 27.67
C LEU B 341 -5.65 -9.34 27.66
N LYS B 342 -4.82 -9.51 26.64
CA LYS B 342 -3.89 -10.63 26.61
C LYS B 342 -2.59 -10.25 27.31
N THR B 343 -1.72 -11.26 27.48
CA THR B 343 -0.53 -11.12 28.32
C THR B 343 0.30 -9.88 27.98
N SER B 344 0.65 -9.69 26.70
CA SER B 344 1.61 -8.64 26.36
CA SER B 344 1.60 -8.64 26.35
C SER B 344 1.06 -7.25 26.69
N ALA B 345 -0.23 -7.02 26.45
CA ALA B 345 -0.81 -5.72 26.78
C ALA B 345 -0.87 -5.51 28.29
N THR B 346 -1.17 -6.58 29.04
CA THR B 346 -1.13 -6.50 30.49
C THR B 346 0.27 -6.17 31.01
N VAL B 347 1.29 -6.76 30.40
CA VAL B 347 2.67 -6.46 30.78
C VAL B 347 2.97 -4.98 30.55
N SER B 348 2.58 -4.46 29.38
CA SER B 348 2.84 -3.05 29.05
C SER B 348 2.24 -2.13 30.12
N ILE B 349 0.97 -2.33 30.47
CA ILE B 349 0.32 -1.46 31.44
C ILE B 349 1.00 -1.58 32.81
N ASN B 350 1.38 -2.81 33.20
CA ASN B 350 2.05 -2.98 34.48
C ASN B 350 3.42 -2.30 34.50
N ASN B 351 4.15 -2.36 33.38
CA ASN B 351 5.45 -1.68 33.32
C ASN B 351 5.31 -0.18 33.47
N VAL B 352 4.34 0.42 32.77
CA VAL B 352 4.13 1.86 32.87
C VAL B 352 3.73 2.22 34.30
N LEU B 353 2.82 1.44 34.88
CA LEU B 353 2.38 1.70 36.26
CA LEU B 353 2.38 1.70 36.25
C LEU B 353 3.56 1.72 37.22
N ARG B 354 4.45 0.73 37.10
CA ARG B 354 5.60 0.69 38.01
C ARG B 354 6.56 1.84 37.76
N ALA B 355 6.71 2.26 36.50
CA ALA B 355 7.65 3.34 36.23
C ALA B 355 7.13 4.67 36.75
N HIS B 356 5.81 4.87 36.78
CA HIS B 356 5.25 6.18 37.11
C HIS B 356 4.59 6.26 38.48
N ALA B 357 4.37 5.13 39.15
CA ALA B 357 3.89 5.17 40.53
C ALA B 357 4.72 6.07 41.45
N PRO B 358 6.05 6.14 41.34
CA PRO B 358 6.80 7.07 42.23
C PRO B 358 6.43 8.53 42.05
N PHE B 359 5.84 8.91 40.92
CA PHE B 359 5.61 10.32 40.63
C PHE B 359 4.16 10.74 40.72
N TRP B 360 3.23 9.80 40.70
CA TRP B 360 1.80 10.08 40.62
C TRP B 360 1.09 9.30 41.72
N SER B 361 0.66 10.02 42.76
CA SER B 361 -0.02 9.37 43.87
C SER B 361 -1.29 8.66 43.42
N SER B 362 -1.94 9.16 42.37
CA SER B 362 -3.16 8.53 41.83
CA SER B 362 -3.16 8.52 41.87
C SER B 362 -2.93 7.11 41.35
N LEU B 363 -1.68 6.69 41.19
CA LEU B 363 -1.37 5.34 40.71
C LEU B 363 -1.02 4.39 41.85
N ARG B 364 -0.98 4.87 43.08
CA ARG B 364 -0.60 4.04 44.22
C ARG B 364 -1.84 3.70 45.07
ZN ZN C . 4.13 -6.45 -19.09
K K D . -2.41 -8.58 -20.73
K K E . -7.83 -18.84 -29.02
C15 FGY F . 12.51 -0.18 -28.66
C17 FGY F . 13.23 -1.18 -30.81
C20 FGY F . 10.55 -2.19 -33.23
C21 FGY F . 11.23 -3.04 -34.05
C22 FGY F . 12.57 -3.29 -33.82
C28 FGY F . 13.72 -1.44 -22.94
C02 FGY F . 7.22 -6.37 -20.36
C05 FGY F . 7.83 -5.28 -21.07
C06 FGY F . 8.37 -5.43 -22.33
C07 FGY F . 8.96 -4.38 -22.97
C08 FGY F . 9.04 -3.11 -22.44
C09 FGY F . 9.70 -1.93 -23.03
C11 FGY F . 11.62 -1.00 -24.35
C12 FGY F . 11.33 -0.78 -25.85
C14 FGY F . 11.63 0.78 -27.86
C18 FGY F . 12.55 -1.81 -31.92
C19 FGY F . 11.20 -1.58 -32.17
C23 FGY F . 13.22 -2.70 -32.76
C25 FGY F . 12.30 2.08 -28.21
C27 FGY F . 13.12 -1.43 -24.35
C30 FGY F . 14.21 0.19 -21.00
C31 FGY F . 13.03 0.39 -20.01
C32 FGY F . 12.25 -0.95 -19.84
C33 FGY F . 12.03 1.43 -20.55
C34 FGY F . 13.54 0.82 -18.64
C37 FGY F . 8.51 -2.96 -21.14
C38 FGY F . 7.90 -4.02 -20.48
N03 FGY F . 6.45 -6.08 -19.22
N10 FGY F . 10.88 -2.10 -23.76
N13 FGY F . 11.76 0.47 -26.44
N16 FGY F . 12.35 -0.26 -30.05
N29 FGY F . 13.73 -0.12 -22.37
O01 FGY F . 7.43 -7.54 -20.68
O04 FGY F . 5.95 -7.20 -18.64
O24 FGY F . 13.36 -0.85 -28.10
O26 FGY F . 10.77 -1.64 -26.52
O35 FGY F . 14.11 -2.42 -22.37
O36 FGY F . 9.26 -0.84 -22.87
C1 EDO G . -14.62 -8.21 -34.48
O1 EDO G . -15.81 -7.44 -34.26
C2 EDO G . -14.01 -7.94 -35.86
O2 EDO G . -13.42 -9.14 -36.38
C1 EDO H . -9.50 2.51 -30.57
O1 EDO H . -10.13 3.01 -29.39
C2 EDO H . -10.39 1.46 -31.24
O2 EDO H . -9.97 1.29 -32.61
C1 EDO I . -7.41 -34.79 -16.48
O1 EDO I . -6.32 -34.57 -15.55
C2 EDO I . -8.04 -33.46 -16.91
O2 EDO I . -8.83 -32.90 -15.84
C1 EDO J . 13.88 -28.93 -31.08
O1 EDO J . 13.63 -28.18 -32.27
C2 EDO J . 14.77 -30.12 -31.43
O2 EDO J . 14.01 -31.01 -32.27
C1 EDO K . 16.28 -2.16 -25.47
O1 EDO K . 15.70 -1.70 -26.70
C2 EDO K . 16.35 -3.68 -25.40
O2 EDO K . 16.59 -4.10 -24.05
ZN ZN L . 2.07 7.70 12.83
K K M . 1.78 8.06 19.88
K K N . 7.44 16.62 29.77
C15 FGY O . 14.21 3.45 8.05
C17 FGY O . 16.51 4.29 7.85
C20 FGY O . 18.28 6.97 9.95
C21 FGY O . 18.82 7.78 8.97
C22 FGY O . 18.60 7.46 7.63
C28 FGY O . 9.27 5.33 4.14
C02 FGY O . 4.14 8.39 10.26
C05 FGY O . 5.18 7.53 9.69
C06 FGY O . 6.52 7.90 9.62
C07 FGY O . 7.47 7.08 9.05
C08 FGY O . 7.18 5.83 8.53
C09 FGY O . 8.15 4.91 7.87
C11 FGY O . 10.17 4.66 6.45
C12 FGY O . 11.48 4.65 7.31
C14 FGY O . 12.92 3.33 8.88
C18 FGY O . 17.30 5.50 8.25
C19 FGY O . 17.53 5.85 9.60
C23 FGY O . 17.87 6.34 7.29
C25 FGY O . 12.99 1.93 9.58
C27 FGY O . 10.50 5.31 5.09
C30 FGY O . 7.63 3.84 2.89
C31 FGY O . 6.33 3.42 3.63
C32 FGY O . 5.17 3.18 2.61
C33 FGY O . 6.55 2.12 4.41
C34 FGY O . 5.90 4.52 4.61
C37 FGY O . 5.83 5.45 8.59
C38 FGY O . 4.87 6.28 9.16
N03 FGY O . 2.88 7.83 10.59
N10 FGY O . 9.19 5.45 7.14
N13 FGY O . 11.76 3.47 8.04
N16 FGY O . 15.27 4.13 8.60
N29 FGY O . 8.79 4.04 3.77
O01 FGY O . 4.31 9.60 10.39
O04 FGY O . 2.01 8.74 11.06
O24 FGY O . 14.29 2.99 6.93
O26 FGY O . 12.19 5.62 7.39
O35 FGY O . 8.75 6.34 3.74
O36 FGY O . 8.02 3.72 7.89
C1 EDO P . 0.33 18.53 -5.24
O1 EDO P . -0.77 18.15 -4.38
C2 EDO P . 0.13 19.94 -5.81
O2 EDO P . 1.41 20.52 -6.15
C1 EDO Q . 13.68 10.75 -0.63
O1 EDO Q . 12.54 11.54 -0.27
C2 EDO Q . 14.51 11.55 -1.63
O2 EDO Q . 14.41 12.94 -1.32
C1 EDO R . 10.29 9.54 1.76
O1 EDO R . 9.30 8.93 2.60
C2 EDO R . 11.43 8.55 1.59
O2 EDO R . 11.60 7.88 2.84
C1 EDO S . 14.95 6.42 2.86
O1 EDO S . 14.81 6.60 1.44
C2 EDO S . 13.74 5.74 3.48
O2 EDO S . 13.92 5.77 4.90
#